data_2PEM
#
_entry.id   2PEM
#
_cell.length_a   93.207
_cell.length_b   93.207
_cell.length_c   412.016
_cell.angle_alpha   90.000
_cell.angle_beta   90.000
_cell.angle_gamma   90.000
#
_symmetry.space_group_name_H-M   'P 41 21 2'
#
loop_
_entity.id
_entity.type
_entity.pdbx_description
1 polymer ORF134
2 polymer RbcL
3 water water
#
loop_
_entity_poly.entity_id
_entity_poly.type
_entity_poly.pdbx_seq_one_letter_code
_entity_poly.pdbx_strand_id
1 'polypeptide(L)'
;MEFKKVAKETAITLQSYLTYQAVRLISQQLSETNPGQAIWLGEFSKRHPIQESDLYLEAMMLENKELVLRILTVRENLAE
GVLEFLPEMVLSQIKQSNGNHRRSLLERLTQVDSSSTDQTEPNPGESDTSEDSE
;
A,B,C,D,E,F
2 'polypeptide(L)' EIKFEFD R
#
# COMPACT_ATOMS: atom_id res chain seq x y z
N GLU A 2 22.25 30.79 -18.24
CA GLU A 2 22.10 31.40 -19.60
C GLU A 2 21.83 30.34 -20.70
N PHE A 3 22.61 29.26 -20.68
CA PHE A 3 22.41 28.15 -21.62
C PHE A 3 22.24 26.86 -20.83
N LYS A 4 21.36 26.90 -19.84
CA LYS A 4 21.15 25.78 -18.93
C LYS A 4 20.75 24.51 -19.69
N LYS A 5 19.88 24.61 -20.68
CA LYS A 5 19.44 23.42 -21.39
C LYS A 5 20.60 22.79 -22.21
N VAL A 6 21.59 23.59 -22.54
CA VAL A 6 22.76 23.09 -23.26
C VAL A 6 23.78 22.50 -22.29
N ALA A 7 23.85 23.07 -21.10
CA ALA A 7 24.62 22.48 -20.01
C ALA A 7 24.08 21.07 -19.68
N LYS A 8 22.77 20.95 -19.48
CA LYS A 8 22.11 19.67 -19.21
C LYS A 8 22.51 18.63 -20.26
N GLU A 9 22.34 18.96 -21.52
CA GLU A 9 22.56 17.98 -22.56
C GLU A 9 24.04 17.61 -22.66
N THR A 10 24.92 18.56 -22.30
CA THR A 10 26.35 18.35 -22.43
C THR A 10 26.88 17.49 -21.31
N ALA A 11 26.40 17.76 -20.11
CA ALA A 11 26.72 16.93 -18.96
C ALA A 11 26.25 15.48 -19.19
N ILE A 12 25.01 15.32 -19.65
CA ILE A 12 24.49 14.00 -19.95
C ILE A 12 25.44 13.28 -20.94
N THR A 13 25.99 14.02 -21.88
CA THR A 13 26.85 13.40 -22.87
C THR A 13 28.13 13.02 -22.22
N LEU A 14 28.59 13.92 -21.36
CA LEU A 14 29.85 13.74 -20.71
C LEU A 14 29.80 12.51 -19.81
N GLN A 15 28.67 12.35 -19.13
CA GLN A 15 28.41 11.18 -18.32
C GLN A 15 28.54 9.93 -19.17
N SER A 16 27.84 9.89 -20.28
CA SER A 16 27.88 8.69 -21.10
C SER A 16 29.26 8.52 -21.71
N TYR A 17 29.89 9.63 -22.08
CA TYR A 17 31.23 9.56 -22.67
C TYR A 17 32.22 8.94 -21.68
N LEU A 18 32.22 9.43 -20.44
CA LEU A 18 33.01 8.80 -19.40
C LEU A 18 32.63 7.32 -19.17
N THR A 19 31.34 6.99 -19.26
CA THR A 19 30.98 5.58 -19.14
C THR A 19 31.65 4.80 -20.26
N TYR A 20 31.62 5.40 -21.44
CA TYR A 20 32.22 4.82 -22.62
C TYR A 20 33.71 4.60 -22.39
N GLN A 21 34.37 5.61 -21.87
CA GLN A 21 35.80 5.57 -21.72
C GLN A 21 36.16 4.49 -20.70
N ALA A 22 35.32 4.36 -19.68
CA ALA A 22 35.50 3.31 -18.69
C ALA A 22 35.40 1.93 -19.31
N VAL A 23 34.35 1.69 -20.09
CA VAL A 23 34.18 0.42 -20.80
C VAL A 23 35.41 0.16 -21.69
N ARG A 24 36.10 1.22 -22.06
CA ARG A 24 37.23 1.07 -22.94
C ARG A 24 38.49 0.63 -22.21
N LEU A 25 38.77 1.20 -21.02
CA LEU A 25 39.83 0.63 -20.18
C LEU A 25 39.54 -0.82 -19.84
N ILE A 26 38.32 -1.08 -19.37
CA ILE A 26 37.98 -2.39 -18.87
C ILE A 26 38.07 -3.40 -20.00
N SER A 27 37.77 -2.93 -21.21
CA SER A 27 37.80 -3.80 -22.35
C SER A 27 39.23 -4.19 -22.67
N GLN A 28 40.16 -3.27 -22.48
CA GLN A 28 41.58 -3.55 -22.65
C GLN A 28 42.09 -4.54 -21.61
N GLN A 29 41.77 -4.33 -20.33
CA GLN A 29 42.15 -5.30 -19.31
C GLN A 29 41.64 -6.71 -19.66
N LEU A 30 40.33 -6.83 -19.86
CA LEU A 30 39.74 -8.11 -20.26
C LEU A 30 40.48 -8.77 -21.41
N SER A 31 40.76 -8.04 -22.48
CA SER A 31 41.39 -8.62 -23.66
C SER A 31 42.69 -9.33 -23.33
N GLU A 32 43.33 -8.89 -22.24
CA GLU A 32 44.50 -9.55 -21.69
C GLU A 32 44.10 -10.72 -20.76
N THR A 33 43.42 -10.37 -19.65
CA THR A 33 42.89 -11.30 -18.63
C THR A 33 41.96 -12.43 -19.12
N ASN A 34 40.74 -12.11 -19.57
CA ASN A 34 39.93 -13.14 -20.23
C ASN A 34 39.49 -12.69 -21.58
N PRO A 35 40.11 -13.26 -22.61
CA PRO A 35 39.63 -13.01 -23.96
C PRO A 35 38.12 -13.21 -24.10
N GLY A 36 37.61 -14.33 -23.62
CA GLY A 36 36.19 -14.66 -23.72
C GLY A 36 35.26 -13.48 -23.44
N GLN A 37 35.48 -12.79 -22.33
CA GLN A 37 34.62 -11.68 -21.98
C GLN A 37 34.81 -10.45 -22.85
N ALA A 38 36.04 -10.16 -23.24
CA ALA A 38 36.32 -9.05 -24.15
C ALA A 38 35.50 -9.20 -25.43
N ILE A 39 35.56 -10.38 -26.07
CA ILE A 39 34.72 -10.65 -27.21
C ILE A 39 33.26 -10.34 -26.85
N TRP A 40 32.76 -10.88 -25.75
CA TRP A 40 31.38 -10.66 -25.34
C TRP A 40 31.08 -9.17 -25.22
N LEU A 41 31.96 -8.46 -24.52
CA LEU A 41 31.71 -7.05 -24.26
C LEU A 41 31.70 -6.29 -25.58
N GLY A 42 32.50 -6.79 -26.52
CA GLY A 42 32.59 -6.22 -27.84
C GLY A 42 31.21 -6.19 -28.43
N GLU A 43 30.60 -7.36 -28.61
CA GLU A 43 29.32 -7.43 -29.30
C GLU A 43 28.16 -6.93 -28.44
N PHE A 44 28.37 -6.85 -27.13
CA PHE A 44 27.32 -6.31 -26.29
C PHE A 44 27.18 -4.87 -26.70
N SER A 45 28.31 -4.25 -27.00
CA SER A 45 28.31 -2.83 -27.32
C SER A 45 27.73 -2.56 -28.70
N LYS A 46 27.77 -3.56 -29.60
CA LYS A 46 27.00 -3.47 -30.83
C LYS A 46 25.50 -3.52 -30.61
N ARG A 47 25.01 -4.31 -29.63
CA ARG A 47 23.55 -4.46 -29.42
C ARG A 47 23.01 -3.34 -28.56
N HIS A 48 23.87 -2.69 -27.79
CA HIS A 48 23.43 -1.58 -26.96
C HIS A 48 24.31 -0.37 -27.11
N PRO A 49 23.70 0.77 -27.49
CA PRO A 49 24.46 2.00 -27.70
C PRO A 49 24.97 2.60 -26.39
N ILE A 50 26.29 2.63 -26.22
CA ILE A 50 26.85 3.23 -25.04
C ILE A 50 26.41 4.66 -24.83
N GLN A 51 26.06 5.37 -25.90
CA GLN A 51 25.67 6.80 -25.74
C GLN A 51 24.44 7.03 -24.86
N GLU A 52 23.52 6.07 -24.84
CA GLU A 52 22.45 6.03 -23.84
C GLU A 52 22.89 5.09 -22.73
N SER A 53 23.65 5.63 -21.78
CA SER A 53 24.45 4.80 -20.91
C SER A 53 23.67 4.06 -19.83
N ASP A 54 22.69 4.73 -19.21
CA ASP A 54 21.87 4.06 -18.22
C ASP A 54 21.16 2.84 -18.82
N LEU A 55 20.55 3.00 -19.99
CA LEU A 55 19.95 1.86 -20.68
C LEU A 55 20.97 0.79 -20.96
N TYR A 56 22.19 1.19 -21.30
CA TYR A 56 23.30 0.27 -21.52
C TYR A 56 23.64 -0.55 -20.26
N LEU A 57 23.81 0.15 -19.14
CA LEU A 57 24.19 -0.51 -17.93
C LEU A 57 23.09 -1.46 -17.48
N GLU A 58 21.84 -1.00 -17.59
CA GLU A 58 20.70 -1.85 -17.25
C GLU A 58 20.67 -3.09 -18.08
N ALA A 59 20.88 -2.96 -19.37
CA ALA A 59 20.82 -4.15 -20.19
C ALA A 59 21.92 -5.07 -19.77
N MET A 60 23.04 -4.51 -19.28
CA MET A 60 24.21 -5.35 -18.94
C MET A 60 23.94 -6.19 -17.72
N MET A 61 23.22 -5.58 -16.77
CA MET A 61 22.77 -6.28 -15.56
C MET A 61 22.16 -7.64 -15.86
N LEU A 62 21.48 -7.79 -16.98
CA LEU A 62 20.92 -9.09 -17.31
C LEU A 62 22.01 -10.04 -17.73
N GLU A 63 23.23 -9.55 -17.87
CA GLU A 63 24.25 -10.43 -18.41
C GLU A 63 25.51 -10.56 -17.62
N ASN A 64 25.98 -9.46 -17.06
CA ASN A 64 27.21 -9.49 -16.33
C ASN A 64 27.18 -8.40 -15.26
N LYS A 65 26.61 -8.74 -14.11
CA LYS A 65 26.41 -7.79 -13.06
C LYS A 65 27.75 -7.41 -12.45
N GLU A 66 28.67 -8.35 -12.39
CA GLU A 66 29.98 -8.00 -11.85
C GLU A 66 30.61 -6.83 -12.59
N LEU A 67 30.59 -6.92 -13.91
CA LEU A 67 31.11 -5.86 -14.76
C LEU A 67 30.34 -4.54 -14.63
N VAL A 68 29.00 -4.58 -14.69
CA VAL A 68 28.24 -3.36 -14.50
C VAL A 68 28.86 -2.66 -13.30
N LEU A 69 29.11 -3.40 -12.23
CA LEU A 69 29.64 -2.79 -11.03
C LEU A 69 31.04 -2.23 -11.25
N ARG A 70 31.87 -2.96 -11.95
CA ARG A 70 33.22 -2.49 -12.23
C ARG A 70 33.19 -1.20 -13.05
N ILE A 71 32.27 -1.15 -14.04
CA ILE A 71 32.10 0.06 -14.85
C ILE A 71 31.78 1.27 -13.97
N LEU A 72 30.80 1.12 -13.07
CA LEU A 72 30.42 2.22 -12.20
C LEU A 72 31.58 2.77 -11.39
N THR A 73 32.49 1.91 -10.96
CA THR A 73 33.59 2.36 -10.13
C THR A 73 34.60 3.11 -11.00
N VAL A 74 35.00 2.47 -12.10
CA VAL A 74 35.99 3.04 -13.01
C VAL A 74 35.52 4.39 -13.59
N ARG A 75 34.24 4.48 -13.99
CA ARG A 75 33.71 5.71 -14.57
C ARG A 75 33.80 6.86 -13.58
N GLU A 76 33.43 6.62 -12.32
CA GLU A 76 33.58 7.64 -11.31
C GLU A 76 35.07 7.99 -11.07
N ASN A 77 35.98 7.03 -11.19
CA ASN A 77 37.37 7.37 -10.96
C ASN A 77 37.86 8.32 -12.03
N LEU A 78 37.72 7.86 -13.28
CA LEU A 78 37.93 8.66 -14.48
C LEU A 78 37.30 10.04 -14.36
N ALA A 79 36.07 10.12 -13.89
CA ALA A 79 35.46 11.41 -13.68
C ALA A 79 36.34 12.28 -12.79
N GLU A 80 36.77 11.73 -11.65
CA GLU A 80 37.56 12.46 -10.63
C GLU A 80 38.85 12.99 -11.21
N GLY A 81 39.54 12.14 -11.96
CA GLY A 81 40.83 12.48 -12.51
C GLY A 81 40.75 13.56 -13.55
N VAL A 82 39.63 13.62 -14.26
CA VAL A 82 39.55 14.35 -15.52
C VAL A 82 38.67 15.60 -15.50
N LEU A 83 37.50 15.52 -14.88
CA LEU A 83 36.53 16.61 -14.98
C LEU A 83 37.08 18.04 -14.78
N GLU A 84 37.79 18.27 -13.67
CA GLU A 84 38.17 19.64 -13.30
C GLU A 84 39.14 20.28 -14.31
N PHE A 85 39.74 19.46 -15.16
CA PHE A 85 40.71 19.96 -16.12
C PHE A 85 40.08 20.46 -17.43
N LEU A 86 38.85 20.04 -17.72
CA LEU A 86 38.32 20.18 -19.06
C LEU A 86 37.98 21.61 -19.49
N PRO A 87 37.37 22.41 -18.58
CA PRO A 87 37.08 23.79 -18.98
C PRO A 87 38.27 24.69 -19.33
N GLU A 88 39.49 24.36 -18.91
CA GLU A 88 40.65 25.13 -19.36
C GLU A 88 41.02 24.57 -20.72
N MET A 89 40.90 23.25 -20.82
CA MET A 89 41.34 22.51 -21.98
C MET A 89 40.49 22.82 -23.20
N VAL A 90 39.18 22.61 -23.09
CA VAL A 90 38.29 22.76 -24.24
C VAL A 90 38.26 24.21 -24.70
N LEU A 91 38.15 25.14 -23.74
CA LEU A 91 38.18 26.57 -24.05
C LEU A 91 39.42 26.90 -24.88
N SER A 92 40.59 26.73 -24.27
CA SER A 92 41.84 27.05 -24.95
C SER A 92 41.98 26.28 -26.27
N GLN A 93 41.35 25.11 -26.35
CA GLN A 93 41.36 24.35 -27.59
C GLN A 93 40.45 24.99 -28.63
N ILE A 94 39.25 25.40 -28.21
CA ILE A 94 38.31 25.98 -29.15
C ILE A 94 38.91 27.25 -29.72
N LYS A 95 39.46 28.07 -28.82
CA LYS A 95 40.10 29.32 -29.20
C LYS A 95 41.15 29.07 -30.25
N GLN A 96 42.12 28.20 -29.93
CA GLN A 96 43.10 27.80 -30.92
C GLN A 96 42.40 27.42 -32.22
N SER A 97 41.52 26.44 -32.16
CA SER A 97 40.89 25.93 -33.36
C SER A 97 40.23 27.07 -34.13
N ASN A 98 39.46 27.89 -33.41
CA ASN A 98 38.79 29.02 -34.02
C ASN A 98 39.80 29.85 -34.80
N GLY A 99 40.90 30.21 -34.13
CA GLY A 99 42.00 30.92 -34.77
C GLY A 99 42.40 30.28 -36.09
N ASN A 100 42.73 28.98 -36.07
CA ASN A 100 43.27 28.31 -37.25
C ASN A 100 42.26 28.24 -38.36
N HIS A 101 41.00 28.07 -38.02
CA HIS A 101 39.95 28.02 -39.04
C HIS A 101 39.81 29.40 -39.65
N ARG A 102 39.79 30.41 -38.81
CA ARG A 102 39.67 31.78 -39.27
C ARG A 102 40.79 32.13 -40.25
N ARG A 103 42.04 32.06 -39.79
CA ARG A 103 43.20 32.22 -40.66
C ARG A 103 43.06 31.47 -41.99
N SER A 104 42.74 30.20 -41.89
CA SER A 104 42.67 29.34 -43.04
C SER A 104 41.57 29.78 -44.00
N LEU A 105 40.42 30.20 -43.47
CA LEU A 105 39.31 30.64 -44.32
C LEU A 105 39.66 31.93 -45.03
N LEU A 106 40.15 32.90 -44.27
CA LEU A 106 40.53 34.20 -44.81
C LEU A 106 41.66 34.09 -45.86
N GLU A 107 42.62 33.19 -45.63
CA GLU A 107 43.69 32.94 -46.61
C GLU A 107 43.19 32.25 -47.87
N ARG A 108 42.05 31.58 -47.82
CA ARG A 108 41.50 30.99 -49.03
C ARG A 108 40.87 32.06 -49.90
N LEU A 109 40.24 33.05 -49.25
CA LEU A 109 39.66 34.20 -49.93
C LEU A 109 40.69 34.92 -50.79
N THR A 110 41.93 34.96 -50.32
CA THR A 110 43.09 35.41 -51.11
C THR A 110 43.49 34.36 -52.19
N GLN A 111 44.26 33.34 -51.81
CA GLN A 111 44.65 32.24 -52.70
C GLN A 111 43.43 31.47 -53.24
N MET B 1 46.72 4.90 -12.84
CA MET B 1 46.45 6.35 -13.08
C MET B 1 46.73 6.76 -14.55
N GLU B 2 47.48 7.86 -14.72
CA GLU B 2 47.64 8.56 -16.03
C GLU B 2 46.27 8.77 -16.73
N PHE B 3 45.47 9.66 -16.15
CA PHE B 3 44.17 9.99 -16.71
C PHE B 3 44.29 11.04 -17.79
N LYS B 4 45.53 11.37 -18.14
CA LYS B 4 45.86 12.38 -19.14
C LYS B 4 45.40 12.00 -20.55
N LYS B 5 45.66 10.78 -20.99
CA LYS B 5 45.18 10.38 -22.31
C LYS B 5 43.65 10.49 -22.37
N VAL B 6 42.97 9.96 -21.36
CA VAL B 6 41.53 10.01 -21.32
C VAL B 6 41.02 11.46 -21.36
N ALA B 7 41.71 12.35 -20.65
CA ALA B 7 41.42 13.78 -20.68
C ALA B 7 41.56 14.38 -22.09
N LYS B 8 42.64 14.06 -22.81
CA LYS B 8 42.83 14.57 -24.16
C LYS B 8 41.65 14.13 -25.02
N GLU B 9 41.35 12.84 -25.01
CA GLU B 9 40.20 12.34 -25.77
C GLU B 9 38.86 12.96 -25.38
N THR B 10 38.68 13.20 -24.09
CA THR B 10 37.45 13.79 -23.60
C THR B 10 37.32 15.24 -24.07
N ALA B 11 38.43 15.98 -23.98
CA ALA B 11 38.38 17.38 -24.34
C ALA B 11 38.10 17.51 -25.83
N ILE B 12 38.70 16.63 -26.63
CA ILE B 12 38.46 16.66 -28.05
C ILE B 12 36.97 16.42 -28.28
N THR B 13 36.44 15.36 -27.69
CA THR B 13 35.05 15.01 -27.91
C THR B 13 34.14 16.15 -27.50
N LEU B 14 34.53 16.85 -26.44
CA LEU B 14 33.73 17.95 -25.94
C LEU B 14 33.72 19.11 -26.91
N GLN B 15 34.89 19.36 -27.47
CA GLN B 15 35.06 20.39 -28.48
C GLN B 15 34.15 20.12 -29.66
N SER B 16 34.19 18.88 -30.13
CA SER B 16 33.31 18.50 -31.20
C SER B 16 31.86 18.58 -30.78
N TYR B 17 31.58 18.24 -29.53
CA TYR B 17 30.20 18.26 -29.04
C TYR B 17 29.62 19.68 -29.05
N LEU B 18 30.40 20.61 -28.50
CA LEU B 18 29.98 21.98 -28.40
C LEU B 18 29.78 22.56 -29.79
N THR B 19 30.62 22.11 -30.73
CA THR B 19 30.45 22.50 -32.11
C THR B 19 29.08 22.05 -32.58
N TYR B 20 28.81 20.77 -32.42
CA TYR B 20 27.51 20.21 -32.71
C TYR B 20 26.41 21.07 -32.10
N GLN B 21 26.62 21.43 -30.85
CA GLN B 21 25.60 22.13 -30.07
C GLN B 21 25.36 23.51 -30.63
N ALA B 22 26.40 24.12 -31.20
CA ALA B 22 26.27 25.41 -31.88
C ALA B 22 25.51 25.25 -33.17
N VAL B 23 26.02 24.38 -34.06
CA VAL B 23 25.31 24.01 -35.29
C VAL B 23 23.82 23.76 -35.03
N ARG B 24 23.52 23.23 -33.86
CA ARG B 24 22.16 22.92 -33.52
C ARG B 24 21.39 24.23 -33.33
N LEU B 25 21.85 25.07 -32.41
CA LEU B 25 21.24 26.37 -32.11
C LEU B 25 21.08 27.29 -33.34
N ILE B 26 22.06 27.20 -34.25
CA ILE B 26 22.05 28.00 -35.46
C ILE B 26 20.96 27.48 -36.41
N SER B 27 20.89 26.17 -36.54
CA SER B 27 19.90 25.53 -37.37
C SER B 27 18.51 25.78 -36.82
N GLN B 28 18.42 26.04 -35.54
CA GLN B 28 17.14 26.33 -34.94
C GLN B 28 16.69 27.67 -35.45
N GLN B 29 17.63 28.61 -35.48
CA GLN B 29 17.36 29.97 -35.95
C GLN B 29 17.06 30.00 -37.44
N LEU B 30 17.89 29.33 -38.24
CA LEU B 30 17.70 29.28 -39.69
C LEU B 30 16.33 28.72 -40.10
N SER B 31 15.89 27.66 -39.42
CA SER B 31 14.60 27.04 -39.68
C SER B 31 13.49 28.08 -39.60
N GLU B 32 13.79 29.19 -38.94
CA GLU B 32 12.84 30.25 -38.71
C GLU B 32 13.15 31.53 -39.50
N THR B 33 14.39 31.63 -39.99
CA THR B 33 14.90 32.84 -40.65
C THR B 33 15.12 32.61 -42.13
N ASN B 34 15.66 31.45 -42.46
CA ASN B 34 16.07 31.15 -43.82
C ASN B 34 15.97 29.65 -44.06
N PRO B 35 14.73 29.12 -44.01
CA PRO B 35 14.41 27.69 -44.08
C PRO B 35 15.22 26.88 -45.10
N GLY B 36 15.58 27.49 -46.23
CA GLY B 36 16.36 26.79 -47.26
C GLY B 36 17.78 26.55 -46.76
N GLN B 37 18.33 27.59 -46.14
CA GLN B 37 19.62 27.52 -45.47
C GLN B 37 19.58 26.40 -44.42
N ALA B 38 18.56 26.45 -43.55
CA ALA B 38 18.29 25.40 -42.57
C ALA B 38 18.37 24.01 -43.19
N ILE B 39 17.57 23.75 -44.22
CA ILE B 39 17.57 22.43 -44.85
C ILE B 39 18.93 22.13 -45.50
N TRP B 40 19.60 23.16 -46.03
CA TRP B 40 20.89 22.95 -46.67
C TRP B 40 21.81 22.34 -45.62
N LEU B 41 21.75 22.94 -44.44
CA LEU B 41 22.58 22.58 -43.29
C LEU B 41 22.40 21.13 -42.90
N GLY B 42 21.13 20.71 -42.82
CA GLY B 42 20.76 19.32 -42.57
C GLY B 42 21.37 18.38 -43.60
N GLU B 43 21.15 18.67 -44.88
CA GLU B 43 21.71 17.88 -45.96
C GLU B 43 23.25 17.86 -45.92
N PHE B 44 23.87 18.96 -45.50
CA PHE B 44 25.32 18.99 -45.28
C PHE B 44 25.74 18.08 -44.13
N SER B 45 25.04 18.26 -43.00
CA SER B 45 25.25 17.49 -41.78
C SER B 45 25.16 15.96 -42.04
N LYS B 46 24.27 15.56 -42.94
CA LYS B 46 24.19 14.15 -43.36
C LYS B 46 25.42 13.71 -44.19
N ARG B 47 25.94 14.57 -45.05
CA ARG B 47 27.16 14.23 -45.82
C ARG B 47 28.42 14.21 -44.94
N HIS B 48 28.39 14.93 -43.82
CA HIS B 48 29.57 15.07 -42.98
C HIS B 48 29.34 14.80 -41.50
N PRO B 49 30.10 13.82 -40.96
CA PRO B 49 30.07 13.48 -39.55
C PRO B 49 30.49 14.68 -38.69
N ILE B 50 29.49 15.36 -38.15
CA ILE B 50 29.70 16.52 -37.32
C ILE B 50 30.65 16.29 -36.14
N GLN B 51 30.79 15.05 -35.70
CA GLN B 51 31.70 14.75 -34.58
C GLN B 51 33.17 14.77 -34.95
N GLU B 52 33.43 14.90 -36.26
CA GLU B 52 34.72 15.35 -36.77
C GLU B 52 34.71 16.86 -36.92
N SER B 53 34.72 17.58 -35.80
CA SER B 53 34.69 19.03 -35.80
C SER B 53 35.39 19.64 -36.99
N ASP B 54 36.71 19.49 -37.00
CA ASP B 54 37.57 20.18 -37.93
C ASP B 54 37.30 19.77 -39.37
N LEU B 55 37.28 18.48 -39.68
CA LEU B 55 36.88 18.00 -41.00
C LEU B 55 35.55 18.63 -41.42
N TYR B 56 34.61 18.67 -40.49
CA TYR B 56 33.28 19.20 -40.76
C TYR B 56 33.41 20.64 -41.20
N LEU B 57 34.13 21.44 -40.40
CA LEU B 57 34.32 22.86 -40.69
C LEU B 57 35.15 23.11 -41.95
N GLU B 58 36.25 22.39 -42.15
CA GLU B 58 37.03 22.57 -43.36
C GLU B 58 36.21 22.29 -44.62
N ALA B 59 35.41 21.23 -44.59
CA ALA B 59 34.46 20.96 -45.65
C ALA B 59 33.48 22.13 -45.82
N MET B 60 32.89 22.61 -44.73
CA MET B 60 31.91 23.71 -44.78
C MET B 60 32.45 24.96 -45.46
N MET B 61 33.70 25.27 -45.17
CA MET B 61 34.42 26.37 -45.77
C MET B 61 34.12 26.39 -47.27
N LEU B 62 34.53 25.31 -47.93
CA LEU B 62 34.39 25.13 -49.37
C LEU B 62 32.97 25.30 -49.91
N GLU B 63 32.00 25.55 -49.05
CA GLU B 63 30.60 25.70 -49.48
C GLU B 63 29.81 26.85 -48.87
N ASN B 64 30.03 27.16 -47.59
CA ASN B 64 29.32 28.30 -46.99
C ASN B 64 30.09 29.00 -45.87
N LYS B 65 31.03 29.85 -46.28
CA LYS B 65 32.00 30.46 -45.38
C LYS B 65 31.41 31.36 -44.31
N GLU B 66 30.32 32.07 -44.63
CA GLU B 66 29.68 32.89 -43.61
C GLU B 66 29.22 32.03 -42.42
N LEU B 67 28.65 30.86 -42.70
CA LEU B 67 28.11 29.98 -41.67
C LEU B 67 29.20 29.41 -40.78
N VAL B 68 30.30 28.98 -41.39
CA VAL B 68 31.47 28.51 -40.67
C VAL B 68 31.92 29.51 -39.63
N LEU B 69 32.03 30.78 -40.04
CA LEU B 69 32.47 31.82 -39.12
C LEU B 69 31.50 31.97 -37.99
N ARG B 70 30.22 31.86 -38.31
CA ARG B 70 29.17 31.98 -37.31
C ARG B 70 29.26 30.86 -36.26
N ILE B 71 29.50 29.64 -36.72
CA ILE B 71 29.62 28.50 -35.82
C ILE B 71 30.78 28.73 -34.84
N LEU B 72 31.95 29.04 -35.39
CA LEU B 72 33.13 29.29 -34.58
C LEU B 72 32.85 30.31 -33.47
N THR B 73 31.97 31.26 -33.75
CA THR B 73 31.64 32.25 -32.75
C THR B 73 30.62 31.67 -31.77
N VAL B 74 29.57 31.05 -32.30
CA VAL B 74 28.49 30.54 -31.44
C VAL B 74 29.01 29.45 -30.50
N ARG B 75 29.82 28.54 -31.04
CA ARG B 75 30.41 27.52 -30.22
C ARG B 75 31.23 28.12 -29.08
N GLU B 76 32.05 29.13 -29.37
CA GLU B 76 32.86 29.69 -28.30
C GLU B 76 32.04 30.41 -27.24
N ASN B 77 30.93 31.01 -27.63
CA ASN B 77 30.04 31.62 -26.65
C ASN B 77 29.49 30.54 -25.75
N LEU B 78 28.97 29.47 -26.37
CA LEU B 78 28.50 28.29 -25.65
C LEU B 78 29.59 27.73 -24.74
N ALA B 79 30.79 27.58 -25.27
CA ALA B 79 31.90 27.10 -24.47
C ALA B 79 32.06 27.86 -23.16
N GLU B 80 31.99 29.19 -23.22
CA GLU B 80 32.15 30.03 -22.03
C GLU B 80 30.97 30.00 -21.08
N GLY B 81 29.77 29.81 -21.63
CA GLY B 81 28.57 29.86 -20.81
C GLY B 81 28.35 28.57 -20.07
N VAL B 82 29.07 27.54 -20.48
CA VAL B 82 28.74 26.18 -20.09
C VAL B 82 29.86 25.46 -19.36
N LEU B 83 31.10 25.70 -19.75
CA LEU B 83 32.20 24.89 -19.25
C LEU B 83 32.40 24.80 -17.72
N GLU B 84 32.39 25.91 -16.98
CA GLU B 84 32.63 25.82 -15.52
C GLU B 84 31.64 24.93 -14.79
N PHE B 85 30.38 24.97 -15.22
CA PHE B 85 29.34 24.17 -14.58
C PHE B 85 29.40 22.68 -14.87
N LEU B 86 30.38 22.23 -15.65
CA LEU B 86 30.35 20.86 -16.10
C LEU B 86 30.92 19.87 -15.09
N PRO B 87 32.10 20.15 -14.51
CA PRO B 87 32.62 19.17 -13.57
C PRO B 87 31.69 18.87 -12.39
N GLU B 88 31.09 19.88 -11.79
CA GLU B 88 30.08 19.67 -10.76
C GLU B 88 28.95 18.77 -11.26
N MET B 89 28.29 19.21 -12.32
CA MET B 89 27.08 18.56 -12.84
C MET B 89 27.29 17.10 -13.23
N VAL B 90 28.42 16.80 -13.84
CA VAL B 90 28.70 15.45 -14.28
C VAL B 90 29.02 14.56 -13.07
N LEU B 91 29.92 15.04 -12.20
CA LEU B 91 30.38 14.24 -11.09
C LEU B 91 29.23 13.96 -10.17
N SER B 92 28.42 14.98 -9.94
CA SER B 92 27.23 14.82 -9.14
C SER B 92 26.27 13.81 -9.78
N GLN B 93 25.94 13.99 -11.06
CA GLN B 93 25.11 13.04 -11.80
C GLN B 93 25.66 11.63 -11.82
N ILE B 94 26.98 11.47 -11.92
CA ILE B 94 27.58 10.13 -11.96
C ILE B 94 27.34 9.41 -10.63
N LYS B 95 27.65 10.11 -9.54
CA LYS B 95 27.40 9.62 -8.19
C LYS B 95 25.96 9.13 -8.05
N GLN B 96 25.02 9.92 -8.54
CA GLN B 96 23.63 9.60 -8.45
C GLN B 96 23.26 8.38 -9.31
N SER B 97 23.69 8.40 -10.56
CA SER B 97 23.43 7.28 -11.46
C SER B 97 24.07 6.03 -10.86
N ASN B 98 25.32 6.17 -10.38
CA ASN B 98 26.03 5.13 -9.65
C ASN B 98 25.17 4.57 -8.50
N GLY B 99 24.63 5.47 -7.68
CA GLY B 99 23.71 5.11 -6.62
C GLY B 99 22.59 4.22 -7.11
N ASN B 100 21.76 4.74 -8.01
CA ASN B 100 20.57 4.02 -8.48
C ASN B 100 20.91 2.68 -9.11
N HIS B 101 21.98 2.67 -9.89
CA HIS B 101 22.41 1.43 -10.52
C HIS B 101 22.82 0.37 -9.49
N ARG B 102 23.55 0.78 -8.46
CA ARG B 102 24.00 -0.17 -7.45
C ARG B 102 22.79 -0.73 -6.72
N ARG B 103 21.97 0.16 -6.14
CA ARG B 103 20.72 -0.23 -5.49
C ARG B 103 19.92 -1.14 -6.39
N SER B 104 19.72 -0.75 -7.62
CA SER B 104 18.91 -1.53 -8.52
C SER B 104 19.45 -2.96 -8.60
N LEU B 105 20.74 -3.11 -8.88
CA LEU B 105 21.31 -4.45 -9.11
C LEU B 105 21.55 -5.22 -7.81
N LEU B 106 22.06 -4.54 -6.80
CA LEU B 106 22.26 -5.16 -5.49
C LEU B 106 20.96 -5.64 -4.89
N GLU B 107 19.86 -5.02 -5.29
CA GLU B 107 18.56 -5.49 -4.87
C GLU B 107 18.02 -6.57 -5.82
N ARG B 108 18.29 -6.41 -7.12
CA ARG B 108 17.96 -7.43 -8.15
C ARG B 108 18.48 -8.84 -7.85
N LEU B 109 19.59 -8.92 -7.11
CA LEU B 109 20.19 -10.19 -6.67
C LEU B 109 19.32 -10.96 -5.68
N THR B 110 18.55 -10.25 -4.84
CA THR B 110 17.58 -10.89 -3.94
C THR B 110 16.31 -11.39 -4.65
N GLN B 111 15.95 -10.78 -5.79
CA GLN B 111 14.74 -11.20 -6.56
C GLN B 111 14.70 -12.68 -6.94
N MET C 1 31.46 4.90 11.50
CA MET C 1 30.29 4.82 10.57
C MET C 1 29.12 5.71 11.04
N GLU C 2 28.21 6.02 10.11
CA GLU C 2 27.02 6.86 10.38
C GLU C 2 25.80 5.99 10.67
N PHE C 3 25.22 6.18 11.85
CA PHE C 3 24.16 5.28 12.28
C PHE C 3 22.77 5.86 12.08
N LYS C 4 22.66 7.19 12.07
CA LYS C 4 21.38 7.87 11.96
C LYS C 4 20.43 7.14 11.02
N LYS C 5 20.91 6.79 9.82
CA LYS C 5 20.08 6.09 8.82
C LYS C 5 19.62 4.68 9.28
N VAL C 6 20.55 3.84 9.71
CA VAL C 6 20.18 2.51 10.15
C VAL C 6 19.29 2.57 11.40
N ALA C 7 19.69 3.36 12.40
CA ALA C 7 18.83 3.62 13.54
C ALA C 7 17.38 3.92 13.14
N LYS C 8 17.17 4.92 12.28
CA LYS C 8 15.81 5.30 11.88
C LYS C 8 15.08 4.13 11.21
N GLU C 9 15.81 3.34 10.43
CA GLU C 9 15.19 2.18 9.79
C GLU C 9 14.82 1.14 10.81
N THR C 10 15.68 0.97 11.81
CA THR C 10 15.47 0.02 12.89
C THR C 10 14.30 0.46 13.74
N ALA C 11 14.24 1.75 14.05
CA ALA C 11 13.11 2.32 14.76
C ALA C 11 11.75 2.00 14.11
N ILE C 12 11.65 2.14 12.79
CA ILE C 12 10.42 1.78 12.08
C ILE C 12 10.16 0.30 12.22
N THR C 13 11.18 -0.54 12.03
CA THR C 13 11.04 -1.99 12.25
C THR C 13 10.46 -2.37 13.63
N LEU C 14 11.05 -1.84 14.71
CA LEU C 14 10.54 -2.04 16.05
C LEU C 14 9.10 -1.64 16.15
N GLN C 15 8.83 -0.38 15.85
CA GLN C 15 7.49 0.16 15.95
C GLN C 15 6.50 -0.82 15.35
N SER C 16 6.86 -1.30 14.17
CA SER C 16 6.01 -2.21 13.47
C SER C 16 5.94 -3.53 14.23
N TYR C 17 7.07 -4.00 14.75
CA TYR C 17 7.14 -5.28 15.45
C TYR C 17 6.38 -5.26 16.76
N LEU C 18 6.64 -4.25 17.59
CA LEU C 18 5.87 -4.05 18.81
C LEU C 18 4.38 -3.90 18.55
N THR C 19 3.98 -3.52 17.34
CA THR C 19 2.56 -3.42 17.04
C THR C 19 2.02 -4.81 16.86
N TYR C 20 2.82 -5.68 16.27
CA TYR C 20 2.41 -7.04 16.01
C TYR C 20 2.30 -7.77 17.34
N GLN C 21 3.30 -7.53 18.19
CA GLN C 21 3.39 -8.04 19.53
C GLN C 21 2.11 -7.62 20.29
N ALA C 22 1.80 -6.32 20.29
CA ALA C 22 0.54 -5.82 20.88
C ALA C 22 -0.69 -6.56 20.38
N VAL C 23 -0.71 -6.93 19.13
CA VAL C 23 -1.87 -7.65 18.62
C VAL C 23 -1.93 -9.10 19.15
N ARG C 24 -0.77 -9.78 19.13
CA ARG C 24 -0.61 -11.12 19.69
C ARG C 24 -1.11 -11.11 21.13
N LEU C 25 -0.53 -10.23 21.94
CA LEU C 25 -0.94 -10.09 23.30
C LEU C 25 -2.43 -9.83 23.44
N ILE C 26 -2.98 -8.94 22.62
CA ILE C 26 -4.40 -8.60 22.71
C ILE C 26 -5.32 -9.78 22.35
N SER C 27 -5.01 -10.50 21.27
CA SER C 27 -5.88 -11.59 20.85
C SER C 27 -5.81 -12.77 21.82
N GLN C 28 -4.71 -12.84 22.56
CA GLN C 28 -4.51 -13.81 23.65
C GLN C 28 -5.47 -13.50 24.79
N GLN C 29 -5.34 -12.32 25.40
CA GLN C 29 -6.36 -11.79 26.32
C GLN C 29 -7.78 -12.04 25.81
N LEU C 30 -8.03 -11.70 24.55
CA LEU C 30 -9.40 -11.68 24.04
C LEU C 30 -9.97 -13.08 23.81
N SER C 31 -9.09 -14.06 23.63
CA SER C 31 -9.57 -15.43 23.42
C SER C 31 -10.42 -15.89 24.61
N GLU C 32 -10.06 -15.45 25.81
CA GLU C 32 -10.82 -15.80 26.99
C GLU C 32 -12.14 -15.09 27.03
N THR C 33 -12.07 -13.81 26.72
CA THR C 33 -13.00 -12.82 27.21
C THR C 33 -13.98 -12.33 26.12
N ASN C 34 -13.53 -12.34 24.87
CA ASN C 34 -14.31 -11.93 23.70
C ASN C 34 -13.91 -12.82 22.54
N PRO C 35 -14.32 -14.10 22.59
CA PRO C 35 -13.82 -15.09 21.63
C PRO C 35 -14.08 -14.70 20.17
N GLY C 36 -15.20 -14.01 19.94
CA GLY C 36 -15.49 -13.45 18.63
C GLY C 36 -14.36 -12.58 18.15
N GLN C 37 -14.14 -11.49 18.88
CA GLN C 37 -13.12 -10.50 18.55
C GLN C 37 -11.75 -11.12 18.35
N ALA C 38 -11.35 -12.02 19.23
CA ALA C 38 -10.04 -12.68 19.11
C ALA C 38 -9.91 -13.40 17.76
N ILE C 39 -11.02 -13.96 17.30
CA ILE C 39 -11.06 -14.63 15.98
C ILE C 39 -11.10 -13.61 14.82
N TRP C 40 -11.79 -12.50 15.02
CA TRP C 40 -11.82 -11.47 14.02
C TRP C 40 -10.42 -10.88 13.82
N LEU C 41 -9.81 -10.50 14.93
CA LEU C 41 -8.47 -9.97 14.98
C LEU C 41 -7.45 -10.87 14.29
N GLY C 42 -7.68 -12.17 14.34
CA GLY C 42 -6.79 -13.15 13.72
C GLY C 42 -6.94 -13.12 12.22
N GLU C 43 -8.18 -13.23 11.77
CA GLU C 43 -8.52 -13.21 10.35
C GLU C 43 -8.20 -11.90 9.64
N PHE C 44 -8.42 -10.78 10.32
CA PHE C 44 -8.08 -9.50 9.75
C PHE C 44 -6.61 -9.50 9.45
N SER C 45 -5.82 -10.02 10.38
CA SER C 45 -4.36 -10.01 10.23
C SER C 45 -3.86 -10.89 9.09
N LYS C 46 -4.76 -11.70 8.51
CA LYS C 46 -4.48 -12.47 7.30
C LYS C 46 -4.85 -11.70 6.03
N ARG C 47 -5.87 -10.85 6.10
CA ARG C 47 -6.26 -9.98 4.98
C ARG C 47 -5.45 -8.69 4.88
N HIS C 48 -4.61 -8.41 5.87
CA HIS C 48 -3.93 -7.12 5.95
C HIS C 48 -2.56 -7.25 6.62
N PRO C 49 -1.51 -7.39 5.83
CA PRO C 49 -0.19 -7.64 6.36
C PRO C 49 0.20 -6.66 7.47
N ILE C 50 0.50 -7.24 8.63
CA ILE C 50 0.89 -6.49 9.80
C ILE C 50 2.25 -5.77 9.67
N GLN C 51 3.10 -6.22 8.75
CA GLN C 51 4.44 -5.62 8.65
C GLN C 51 4.35 -4.14 8.24
N GLU C 52 3.29 -3.78 7.53
CA GLU C 52 3.00 -2.40 7.14
C GLU C 52 2.08 -1.75 8.16
N SER C 53 2.65 -1.38 9.30
CA SER C 53 1.88 -1.16 10.53
C SER C 53 0.82 -0.07 10.42
N ASP C 54 1.24 1.09 9.90
CA ASP C 54 0.33 2.22 9.75
C ASP C 54 -0.86 1.95 8.82
N LEU C 55 -0.67 1.11 7.81
CA LEU C 55 -1.78 0.82 6.92
C LEU C 55 -2.72 -0.15 7.58
N TYR C 56 -2.12 -1.06 8.35
CA TYR C 56 -2.84 -2.04 9.16
C TYR C 56 -3.83 -1.33 10.06
N LEU C 57 -3.31 -0.40 10.86
CA LEU C 57 -4.15 0.29 11.81
C LEU C 57 -5.19 1.15 11.10
N GLU C 58 -4.85 1.65 9.91
CA GLU C 58 -5.77 2.48 9.16
C GLU C 58 -6.92 1.64 8.65
N ALA C 59 -6.61 0.47 8.10
CA ALA C 59 -7.63 -0.44 7.61
C ALA C 59 -8.60 -0.75 8.75
N MET C 60 -8.05 -1.18 9.89
CA MET C 60 -8.86 -1.60 11.03
C MET C 60 -9.76 -0.50 11.54
N MET C 61 -9.22 0.71 11.61
CA MET C 61 -10.02 1.91 11.82
C MET C 61 -11.39 1.84 11.14
N LEU C 62 -11.44 1.30 9.92
CA LEU C 62 -12.70 1.27 9.22
C LEU C 62 -13.67 0.25 9.80
N GLU C 63 -13.14 -0.83 10.36
CA GLU C 63 -14.02 -1.91 10.75
C GLU C 63 -14.29 -1.97 12.26
N ASN C 64 -13.27 -1.72 13.07
CA ASN C 64 -13.43 -1.84 14.52
C ASN C 64 -12.58 -0.85 15.30
N LYS C 65 -13.20 0.26 15.63
CA LYS C 65 -12.48 1.34 16.26
C LYS C 65 -12.04 0.96 17.65
N GLU C 66 -12.84 0.16 18.32
CA GLU C 66 -12.54 -0.24 19.67
C GLU C 66 -11.24 -1.03 19.72
N LEU C 67 -11.07 -1.94 18.77
CA LEU C 67 -9.89 -2.77 18.75
C LEU C 67 -8.66 -1.93 18.45
N VAL C 68 -8.78 -0.98 17.52
CA VAL C 68 -7.62 -0.21 17.09
C VAL C 68 -7.12 0.62 18.26
N LEU C 69 -8.06 1.19 18.99
CA LEU C 69 -7.68 2.08 20.06
C LEU C 69 -6.96 1.29 21.13
N ARG C 70 -7.24 -0.02 21.21
CA ARG C 70 -6.65 -0.93 22.19
C ARG C 70 -5.20 -1.15 21.77
N ILE C 71 -5.04 -1.53 20.51
CA ILE C 71 -3.72 -1.79 19.92
C ILE C 71 -2.79 -0.58 20.09
N LEU C 72 -3.34 0.63 19.91
CA LEU C 72 -2.54 1.80 20.15
C LEU C 72 -2.04 1.80 21.59
N THR C 73 -2.96 1.76 22.57
CA THR C 73 -2.57 1.85 23.98
C THR C 73 -1.59 0.75 24.38
N VAL C 74 -1.90 -0.47 23.94
CA VAL C 74 -1.10 -1.62 24.35
C VAL C 74 0.33 -1.51 23.80
N ARG C 75 0.46 -1.24 22.49
CA ARG C 75 1.78 -1.19 21.88
C ARG C 75 2.64 -0.18 22.61
N GLU C 76 2.03 0.91 23.07
CA GLU C 76 2.81 1.88 23.80
C GLU C 76 3.26 1.30 25.15
N ASN C 77 2.38 0.61 25.87
CA ASN C 77 2.78 0.03 27.16
C ASN C 77 3.88 -1.01 26.94
N LEU C 78 3.66 -1.92 25.99
CA LEU C 78 4.69 -2.88 25.64
C LEU C 78 6.00 -2.15 25.37
N ALA C 79 5.94 -1.13 24.52
CA ALA C 79 7.10 -0.34 24.20
C ALA C 79 7.72 0.13 25.46
N GLU C 80 6.91 0.81 26.28
CA GLU C 80 7.40 1.44 27.50
C GLU C 80 8.02 0.43 28.47
N GLY C 81 7.65 -0.84 28.36
CA GLY C 81 8.19 -1.83 29.26
C GLY C 81 9.36 -2.65 28.74
N VAL C 82 9.48 -2.75 27.42
CA VAL C 82 10.50 -3.56 26.79
C VAL C 82 11.76 -2.76 26.43
N LEU C 83 11.58 -1.53 25.99
CA LEU C 83 12.65 -0.79 25.34
C LEU C 83 13.90 -0.57 26.18
N GLU C 84 13.74 -0.14 27.43
CA GLU C 84 14.90 0.15 28.30
C GLU C 84 15.88 -1.04 28.38
N PHE C 85 15.35 -2.27 28.35
CA PHE C 85 16.18 -3.45 28.51
C PHE C 85 16.68 -4.06 27.20
N LEU C 86 16.45 -3.35 26.09
CA LEU C 86 16.79 -3.88 24.75
C LEU C 86 18.27 -3.74 24.36
N PRO C 87 18.88 -2.55 24.57
CA PRO C 87 20.33 -2.41 24.36
C PRO C 87 21.25 -3.47 24.98
N GLU C 88 21.04 -3.83 26.25
CA GLU C 88 21.85 -4.85 26.94
C GLU C 88 21.51 -6.22 26.41
N MET C 89 20.21 -6.51 26.25
CA MET C 89 19.81 -7.82 25.76
C MET C 89 20.39 -8.12 24.36
N VAL C 90 20.29 -7.15 23.45
CA VAL C 90 20.74 -7.35 22.07
C VAL C 90 22.26 -7.33 21.97
N LEU C 91 22.89 -6.32 22.58
CA LEU C 91 24.35 -6.18 22.54
C LEU C 91 25.04 -7.40 23.16
N SER C 92 24.55 -7.85 24.31
CA SER C 92 25.02 -9.07 24.92
C SER C 92 24.81 -10.29 24.01
N GLN C 93 23.60 -10.46 23.49
CA GLN C 93 23.30 -11.59 22.60
C GLN C 93 24.17 -11.61 21.34
N ILE C 94 24.49 -10.44 20.80
CA ILE C 94 25.39 -10.40 19.65
C ILE C 94 26.80 -10.85 20.08
N LYS C 95 27.28 -10.31 21.21
CA LYS C 95 28.61 -10.65 21.77
C LYS C 95 28.79 -12.15 21.99
N GLN C 96 27.71 -12.81 22.36
CA GLN C 96 27.73 -14.23 22.57
C GLN C 96 27.64 -15.02 21.27
N SER C 97 26.83 -14.53 20.33
CA SER C 97 26.75 -15.17 19.01
C SER C 97 28.09 -15.01 18.27
N ASN C 98 28.67 -13.83 18.35
CA ASN C 98 29.97 -13.60 17.78
C ASN C 98 30.93 -14.65 18.29
N GLY C 99 31.04 -14.75 19.63
CA GLY C 99 31.79 -15.82 20.31
C GLY C 99 31.60 -17.21 19.69
N ASN C 100 30.37 -17.71 19.72
CA ASN C 100 30.09 -19.05 19.20
C ASN C 100 30.57 -19.32 17.79
N HIS C 101 30.46 -18.30 16.94
CA HIS C 101 30.88 -18.46 15.56
C HIS C 101 32.38 -18.37 15.51
N ARG C 102 32.94 -17.34 16.15
CA ARG C 102 34.41 -17.24 16.26
C ARG C 102 34.98 -18.56 16.79
N ARG C 103 34.46 -19.00 17.94
CA ARG C 103 34.94 -20.21 18.58
C ARG C 103 34.90 -21.39 17.63
N SER C 104 33.75 -21.72 17.08
CA SER C 104 33.65 -22.95 16.29
C SER C 104 34.29 -22.86 14.89
N LEU C 105 34.98 -21.74 14.63
CA LEU C 105 35.86 -21.57 13.46
C LEU C 105 37.27 -21.94 13.87
N LEU C 106 37.71 -21.41 15.02
CA LEU C 106 39.00 -21.78 15.60
C LEU C 106 39.07 -23.28 15.84
N GLU C 107 37.94 -23.89 16.19
CA GLU C 107 37.85 -25.34 16.28
C GLU C 107 38.16 -25.97 14.93
N ARG C 108 37.51 -25.51 13.87
CA ARG C 108 37.71 -26.09 12.53
C ARG C 108 39.15 -25.94 12.02
N LEU C 109 39.90 -24.98 12.56
CA LEU C 109 41.26 -24.71 12.10
C LEU C 109 42.30 -25.51 12.85
N THR C 110 42.12 -25.57 14.17
CA THR C 110 43.04 -26.22 15.13
C THR C 110 43.25 -27.71 14.82
N GLU D 2 4.35 -8.97 32.18
CA GLU D 2 4.29 -9.81 30.95
C GLU D 2 5.55 -9.64 30.03
N PHE D 3 6.43 -8.71 30.41
CA PHE D 3 7.41 -8.11 29.49
C PHE D 3 8.67 -8.87 29.18
N LYS D 4 9.39 -9.38 30.18
CA LYS D 4 10.58 -10.21 29.93
C LYS D 4 10.45 -11.11 28.67
N LYS D 5 9.32 -11.77 28.51
CA LYS D 5 9.15 -12.70 27.39
C LYS D 5 9.08 -12.00 26.03
N VAL D 6 8.22 -10.99 25.93
CA VAL D 6 8.13 -10.16 24.73
C VAL D 6 9.48 -9.47 24.40
N ALA D 7 10.17 -8.96 25.42
CA ALA D 7 11.57 -8.55 25.27
C ALA D 7 12.50 -9.61 24.61
N LYS D 8 12.53 -10.84 25.10
CA LYS D 8 13.46 -11.85 24.55
C LYS D 8 13.16 -12.01 23.05
N GLU D 9 11.87 -12.12 22.74
CA GLU D 9 11.44 -12.33 21.38
C GLU D 9 11.89 -11.13 20.52
N THR D 10 11.67 -9.92 21.04
CA THR D 10 12.12 -8.70 20.39
C THR D 10 13.63 -8.70 20.22
N ALA D 11 14.37 -8.74 21.34
CA ALA D 11 15.83 -8.84 21.30
C ALA D 11 16.33 -9.81 20.24
N ILE D 12 15.69 -10.97 20.10
CA ILE D 12 16.10 -11.91 19.04
C ILE D 12 15.96 -11.26 17.68
N THR D 13 14.81 -10.64 17.43
CA THR D 13 14.53 -9.98 16.15
C THR D 13 15.53 -8.88 15.82
N LEU D 14 15.77 -7.98 16.76
CA LEU D 14 16.77 -6.97 16.55
C LEU D 14 18.11 -7.59 16.15
N GLN D 15 18.54 -8.59 16.89
CA GLN D 15 19.81 -9.22 16.63
C GLN D 15 19.88 -9.72 15.18
N SER D 16 18.75 -10.19 14.67
CA SER D 16 18.67 -10.60 13.28
C SER D 16 18.62 -9.40 12.35
N TYR D 17 17.90 -8.39 12.77
CA TYR D 17 17.69 -7.28 11.92
C TYR D 17 19.03 -6.61 11.73
N LEU D 18 19.79 -6.41 12.81
CA LEU D 18 21.07 -5.74 12.66
C LEU D 18 22.14 -6.60 11.96
N THR D 19 21.93 -7.89 11.85
CA THR D 19 22.90 -8.68 11.14
C THR D 19 22.61 -8.40 9.68
N TYR D 20 21.33 -8.38 9.35
CA TYR D 20 20.89 -8.00 8.04
C TYR D 20 21.46 -6.61 7.68
N GLN D 21 21.35 -5.67 8.60
CA GLN D 21 21.84 -4.33 8.36
C GLN D 21 23.32 -4.28 8.08
N ALA D 22 24.08 -5.06 8.83
CA ALA D 22 25.52 -5.13 8.66
C ALA D 22 25.85 -5.70 7.28
N VAL D 23 25.19 -6.80 6.94
CA VAL D 23 25.32 -7.37 5.61
C VAL D 23 25.04 -6.36 4.48
N ARG D 24 24.02 -5.52 4.61
CA ARG D 24 23.86 -4.38 3.68
C ARG D 24 25.07 -3.45 3.65
N LEU D 25 25.39 -2.81 4.77
CA LEU D 25 26.52 -1.92 4.82
C LEU D 25 27.71 -2.63 4.12
N ILE D 26 27.94 -3.90 4.43
CA ILE D 26 29.10 -4.57 3.84
C ILE D 26 28.90 -4.76 2.34
N SER D 27 27.66 -5.06 1.95
CA SER D 27 27.37 -5.34 0.55
C SER D 27 27.64 -4.11 -0.32
N GLN D 28 27.28 -2.94 0.20
CA GLN D 28 27.52 -1.69 -0.48
C GLN D 28 29.00 -1.36 -0.57
N GLN D 29 29.74 -1.44 0.53
CA GLN D 29 31.18 -1.18 0.50
C GLN D 29 31.80 -2.12 -0.53
N LEU D 30 31.25 -3.32 -0.60
CA LEU D 30 31.84 -4.37 -1.36
C LEU D 30 31.52 -4.22 -2.85
N SER D 31 30.44 -3.53 -3.16
CA SER D 31 30.00 -3.36 -4.54
C SER D 31 30.91 -2.39 -5.24
N GLU D 32 31.46 -1.45 -4.49
CA GLU D 32 32.49 -0.58 -5.01
C GLU D 32 33.88 -1.21 -4.99
N THR D 33 34.28 -1.80 -3.87
CA THR D 33 35.63 -2.34 -3.71
C THR D 33 35.86 -3.68 -4.39
N ASN D 34 34.92 -4.60 -4.28
CA ASN D 34 35.16 -5.97 -4.70
C ASN D 34 33.87 -6.58 -5.22
N PRO D 35 33.45 -6.16 -6.42
CA PRO D 35 32.15 -6.55 -6.95
C PRO D 35 31.92 -8.05 -7.02
N GLY D 36 32.99 -8.82 -7.15
CA GLY D 36 32.85 -10.27 -7.26
C GLY D 36 32.33 -10.75 -5.93
N GLN D 37 32.93 -10.20 -4.88
CA GLN D 37 32.60 -10.53 -3.51
C GLN D 37 31.14 -10.15 -3.23
N ALA D 38 30.78 -8.91 -3.62
CA ALA D 38 29.42 -8.40 -3.42
C ALA D 38 28.40 -9.18 -4.18
N ILE D 39 28.73 -9.64 -5.39
CA ILE D 39 27.85 -10.54 -6.14
C ILE D 39 27.69 -11.85 -5.36
N TRP D 40 28.82 -12.39 -4.88
CA TRP D 40 28.83 -13.68 -4.22
C TRP D 40 27.87 -13.69 -3.05
N LEU D 41 27.97 -12.64 -2.23
CA LEU D 41 27.20 -12.48 -1.03
C LEU D 41 25.73 -12.40 -1.34
N GLY D 42 25.37 -11.71 -2.42
CA GLY D 42 23.98 -11.57 -2.83
C GLY D 42 23.44 -12.90 -3.33
N GLU D 43 24.25 -13.65 -4.06
CA GLU D 43 23.82 -14.95 -4.51
C GLU D 43 23.68 -15.88 -3.30
N PHE D 44 24.59 -15.75 -2.33
CA PHE D 44 24.52 -16.53 -1.10
C PHE D 44 23.24 -16.26 -0.35
N SER D 45 22.90 -14.99 -0.17
CA SER D 45 21.70 -14.63 0.58
C SER D 45 20.42 -15.12 -0.09
N LYS D 46 20.54 -15.54 -1.35
CA LYS D 46 19.42 -16.15 -2.05
C LYS D 46 19.17 -17.54 -1.49
N ARG D 47 20.17 -18.41 -1.59
CA ARG D 47 20.14 -19.73 -0.96
C ARG D 47 19.72 -19.71 0.54
N HIS D 48 20.36 -18.86 1.36
CA HIS D 48 20.15 -18.95 2.81
C HIS D 48 19.38 -17.78 3.43
N PRO D 49 18.11 -18.01 3.84
CA PRO D 49 17.35 -16.95 4.51
C PRO D 49 18.13 -16.32 5.66
N ILE D 50 18.33 -15.01 5.56
CA ILE D 50 19.11 -14.25 6.52
C ILE D 50 18.32 -13.95 7.80
N GLN D 51 17.02 -14.21 7.78
CA GLN D 51 16.18 -13.91 8.97
C GLN D 51 16.57 -14.80 10.14
N GLU D 52 16.87 -16.08 9.89
CA GLU D 52 17.62 -16.88 10.88
C GLU D 52 19.13 -16.69 10.76
N SER D 53 19.56 -15.59 11.39
CA SER D 53 20.90 -15.09 11.27
C SER D 53 21.94 -16.15 11.66
N ASP D 54 21.68 -16.88 12.73
CA ASP D 54 22.64 -17.86 13.18
C ASP D 54 22.84 -19.00 12.19
N LEU D 55 21.77 -19.57 11.64
CA LEU D 55 22.00 -20.59 10.62
C LEU D 55 22.76 -20.01 9.42
N TYR D 56 22.48 -18.76 9.14
CA TYR D 56 23.03 -18.04 8.00
C TYR D 56 24.53 -17.85 8.17
N LEU D 57 24.96 -17.27 9.28
CA LEU D 57 26.40 -17.10 9.54
C LEU D 57 27.10 -18.45 9.60
N GLU D 58 26.42 -19.45 10.17
CA GLU D 58 26.95 -20.79 10.22
C GLU D 58 27.30 -21.28 8.82
N ALA D 59 26.31 -21.24 7.92
CA ALA D 59 26.48 -21.71 6.53
C ALA D 59 27.61 -20.98 5.82
N MET D 60 27.65 -19.67 6.02
CA MET D 60 28.61 -18.85 5.31
C MET D 60 30.03 -19.08 5.79
N MET D 61 30.17 -19.47 7.05
CA MET D 61 31.48 -19.77 7.63
C MET D 61 32.17 -20.90 6.89
N LEU D 62 31.39 -21.92 6.48
CA LEU D 62 31.94 -23.02 5.68
C LEU D 62 32.52 -22.53 4.36
N GLU D 63 31.91 -21.52 3.74
CA GLU D 63 32.30 -21.08 2.40
C GLU D 63 33.16 -19.81 2.36
N ASN D 64 33.10 -18.97 3.38
CA ASN D 64 33.83 -17.68 3.37
C ASN D 64 34.20 -17.12 4.76
N LYS D 65 35.18 -17.75 5.40
CA LYS D 65 35.59 -17.32 6.74
C LYS D 65 35.85 -15.80 6.82
N GLU D 66 36.52 -15.24 5.82
CA GLU D 66 36.93 -13.83 5.91
C GLU D 66 35.72 -12.90 5.94
N LEU D 67 34.67 -13.28 5.22
CA LEU D 67 33.50 -12.43 5.16
C LEU D 67 32.66 -12.55 6.42
N VAL D 68 32.48 -13.77 6.94
CA VAL D 68 31.72 -13.91 8.19
C VAL D 68 32.38 -13.12 9.32
N LEU D 69 33.67 -13.32 9.49
CA LEU D 69 34.42 -12.59 10.47
C LEU D 69 34.09 -11.10 10.38
N ARG D 70 33.89 -10.60 9.17
CA ARG D 70 33.70 -9.18 9.01
C ARG D 70 32.27 -8.80 9.40
N ILE D 71 31.33 -9.69 9.07
CA ILE D 71 29.96 -9.47 9.44
C ILE D 71 29.85 -9.32 10.94
N LEU D 72 30.50 -10.22 11.69
CA LEU D 72 30.48 -10.23 13.15
C LEU D 72 30.98 -8.92 13.75
N THR D 73 32.15 -8.47 13.30
CA THR D 73 32.71 -7.25 13.85
C THR D 73 31.82 -6.05 13.52
N VAL D 74 31.25 -6.06 12.31
CA VAL D 74 30.37 -4.98 11.88
C VAL D 74 29.06 -4.91 12.68
N ARG D 75 28.29 -6.00 12.70
CA ARG D 75 27.01 -5.95 13.42
C ARG D 75 27.20 -5.49 14.85
N GLU D 76 28.29 -5.93 15.48
CA GLU D 76 28.57 -5.47 16.82
C GLU D 76 28.72 -3.94 16.86
N ASN D 77 29.68 -3.38 16.13
CA ASN D 77 29.81 -1.93 16.04
C ASN D 77 28.52 -1.22 15.68
N LEU D 78 27.79 -1.82 14.74
CA LEU D 78 26.54 -1.26 14.28
C LEU D 78 25.56 -1.23 15.44
N ALA D 79 25.51 -2.33 16.18
CA ALA D 79 24.65 -2.45 17.37
C ALA D 79 24.94 -1.40 18.45
N GLU D 80 26.20 -1.17 18.78
CA GLU D 80 26.54 -0.08 19.69
C GLU D 80 26.02 1.26 19.17
N GLY D 81 26.33 1.56 17.91
CA GLY D 81 25.94 2.85 17.35
C GLY D 81 24.45 3.09 17.44
N VAL D 82 23.67 2.11 17.01
CA VAL D 82 22.24 2.25 16.90
C VAL D 82 21.56 2.17 18.27
N LEU D 83 22.00 1.20 19.08
CA LEU D 83 21.24 0.72 20.24
C LEU D 83 20.88 1.73 21.30
N GLU D 84 21.72 2.71 21.57
CA GLU D 84 21.40 3.63 22.67
C GLU D 84 20.34 4.64 22.26
N PHE D 85 20.29 4.99 20.97
CA PHE D 85 19.27 5.89 20.47
C PHE D 85 17.85 5.27 20.44
N LEU D 86 17.77 3.96 20.29
CA LEU D 86 16.52 3.26 20.04
C LEU D 86 15.38 3.53 21.00
N PRO D 87 15.55 3.27 22.31
CA PRO D 87 14.46 3.49 23.26
C PRO D 87 13.69 4.76 23.00
N GLU D 88 14.42 5.87 22.87
CA GLU D 88 13.83 7.19 22.72
C GLU D 88 13.11 7.33 21.39
N MET D 89 13.74 6.86 20.32
CA MET D 89 13.17 6.95 18.98
C MET D 89 11.86 6.20 18.90
N VAL D 90 11.91 4.91 19.23
CA VAL D 90 10.75 4.02 19.11
C VAL D 90 9.60 4.49 20.00
N LEU D 91 9.93 4.86 21.23
CA LEU D 91 8.92 5.33 22.16
C LEU D 91 8.29 6.54 21.51
N SER D 92 9.14 7.52 21.26
CA SER D 92 8.72 8.79 20.69
C SER D 92 7.88 8.64 19.41
N GLN D 93 8.31 7.78 18.52
CA GLN D 93 7.60 7.57 17.27
C GLN D 93 6.24 6.99 17.49
N ILE D 94 6.16 5.95 18.33
CA ILE D 94 4.90 5.31 18.72
C ILE D 94 3.93 6.34 19.29
N LYS D 95 4.43 7.20 20.19
CA LYS D 95 3.59 8.22 20.80
C LYS D 95 2.98 9.08 19.73
N GLN D 96 3.82 9.54 18.82
CA GLN D 96 3.37 10.33 17.72
C GLN D 96 2.37 9.57 16.86
N SER D 97 2.77 8.41 16.36
CA SER D 97 1.88 7.62 15.54
C SER D 97 0.51 7.57 16.21
N ASN D 98 0.49 7.19 17.49
CA ASN D 98 -0.74 6.97 18.20
C ASN D 98 -1.64 8.21 18.09
N GLY D 99 -1.07 9.36 18.43
CA GLY D 99 -1.73 10.64 18.30
C GLY D 99 -2.39 10.83 16.95
N ASN D 100 -1.67 10.52 15.88
CA ASN D 100 -2.24 10.69 14.54
C ASN D 100 -3.42 9.77 14.39
N HIS D 101 -3.24 8.49 14.66
CA HIS D 101 -4.34 7.57 14.45
C HIS D 101 -5.57 7.99 15.26
N ARG D 102 -5.36 8.32 16.51
CA ARG D 102 -6.46 8.76 17.36
C ARG D 102 -7.13 9.96 16.73
N ARG D 103 -6.33 10.93 16.30
CA ARG D 103 -6.80 12.18 15.69
C ARG D 103 -7.48 11.86 14.38
N SER D 104 -6.78 11.15 13.53
CA SER D 104 -7.30 10.85 12.21
C SER D 104 -8.64 10.13 12.31
N LEU D 105 -8.86 9.41 13.40
CA LEU D 105 -10.19 8.90 13.67
C LEU D 105 -11.17 10.05 13.94
N LEU D 106 -11.09 10.64 15.14
CA LEU D 106 -11.97 11.73 15.53
C LEU D 106 -12.35 12.66 14.37
N GLU D 107 -11.38 13.12 13.60
CA GLU D 107 -11.64 14.00 12.43
C GLU D 107 -12.46 13.30 11.33
N ARG D 108 -11.85 12.34 10.63
CA ARG D 108 -12.47 11.61 9.51
C ARG D 108 -13.92 11.06 9.74
N LEU D 109 -14.39 11.02 11.00
CA LEU D 109 -15.72 10.46 11.33
C LEU D 109 -16.91 11.22 10.74
N GLU E 2 -38.31 8.43 2.43
CA GLU E 2 -37.34 7.28 2.44
C GLU E 2 -37.75 6.15 3.40
N PHE E 3 -38.93 6.33 4.03
CA PHE E 3 -39.43 5.38 5.01
C PHE E 3 -40.62 4.54 4.51
N LYS E 4 -41.06 4.72 3.27
CA LYS E 4 -42.24 4.01 2.79
C LYS E 4 -41.98 2.55 2.41
N LYS E 5 -40.90 2.28 1.66
CA LYS E 5 -40.58 0.90 1.26
C LYS E 5 -40.57 -0.02 2.49
N VAL E 6 -39.98 0.46 3.59
CA VAL E 6 -39.91 -0.26 4.85
C VAL E 6 -41.31 -0.33 5.47
N ALA E 7 -41.96 0.82 5.59
CA ALA E 7 -43.31 0.92 6.15
C ALA E 7 -44.26 -0.09 5.53
N LYS E 8 -44.12 -0.34 4.22
CA LYS E 8 -44.94 -1.33 3.51
C LYS E 8 -44.61 -2.74 3.98
N GLU E 9 -43.33 -3.11 3.89
CA GLU E 9 -42.86 -4.42 4.36
C GLU E 9 -43.32 -4.66 5.79
N THR E 10 -43.29 -3.61 6.60
CA THR E 10 -43.71 -3.70 7.99
C THR E 10 -45.20 -3.98 8.06
N ALA E 11 -45.98 -3.18 7.33
CA ALA E 11 -47.43 -3.37 7.25
C ALA E 11 -47.81 -4.82 6.89
N ILE E 12 -47.18 -5.35 5.83
CA ILE E 12 -47.40 -6.72 5.38
C ILE E 12 -47.17 -7.71 6.51
N THR E 13 -46.03 -7.57 7.20
CA THR E 13 -45.71 -8.37 8.38
C THR E 13 -46.84 -8.28 9.41
N LEU E 14 -47.15 -7.05 9.79
CA LEU E 14 -48.07 -6.76 10.85
C LEU E 14 -49.48 -7.29 10.54
N GLN E 15 -49.82 -7.22 9.25
CA GLN E 15 -51.07 -7.78 8.70
C GLN E 15 -51.12 -9.26 9.01
N SER E 16 -50.13 -9.98 8.50
CA SER E 16 -50.01 -11.40 8.75
C SER E 16 -49.89 -11.74 10.25
N TYR E 17 -49.07 -10.97 10.97
CA TYR E 17 -48.92 -11.19 12.41
C TYR E 17 -50.26 -11.12 13.13
N LEU E 18 -51.02 -10.05 12.86
CA LEU E 18 -52.33 -9.86 13.49
C LEU E 18 -53.37 -10.91 13.09
N THR E 19 -53.21 -11.46 11.88
CA THR E 19 -54.08 -12.54 11.43
C THR E 19 -53.84 -13.72 12.36
N TYR E 20 -52.57 -14.13 12.47
CA TYR E 20 -52.13 -15.16 13.44
C TYR E 20 -52.73 -14.92 14.83
N GLN E 21 -52.59 -13.69 15.31
CA GLN E 21 -53.07 -13.29 16.61
C GLN E 21 -54.60 -13.46 16.74
N ALA E 22 -55.32 -13.16 15.66
CA ALA E 22 -56.77 -13.30 15.61
C ALA E 22 -57.19 -14.76 15.70
N VAL E 23 -56.47 -15.62 14.97
CA VAL E 23 -56.68 -17.06 14.96
C VAL E 23 -56.42 -17.63 16.35
N ARG E 24 -55.47 -17.03 17.06
CA ARG E 24 -55.20 -17.43 18.43
C ARG E 24 -56.40 -17.06 19.29
N LEU E 25 -56.79 -15.78 19.28
CA LEU E 25 -57.96 -15.32 20.02
C LEU E 25 -59.23 -16.06 19.62
N ILE E 26 -59.23 -16.62 18.41
CA ILE E 26 -60.32 -17.50 17.93
C ILE E 26 -60.23 -18.87 18.60
N SER E 27 -59.04 -19.47 18.57
CA SER E 27 -58.80 -20.81 19.13
C SER E 27 -59.11 -20.86 20.63
N GLN E 28 -58.76 -19.80 21.36
CA GLN E 28 -59.11 -19.68 22.78
C GLN E 28 -60.62 -19.75 22.99
N GLN E 29 -61.37 -18.90 22.30
CA GLN E 29 -62.84 -18.87 22.41
C GLN E 29 -63.48 -20.21 22.02
N LEU E 30 -62.88 -20.89 21.04
CA LEU E 30 -63.44 -22.15 20.52
C LEU E 30 -63.15 -23.37 21.41
N SER E 31 -62.09 -23.30 22.23
CA SER E 31 -61.74 -24.37 23.19
C SER E 31 -62.79 -24.56 24.28
N GLU E 32 -63.32 -23.45 24.80
CA GLU E 32 -64.39 -23.48 25.82
C GLU E 32 -65.75 -23.01 25.27
N THR E 33 -66.08 -23.39 24.04
CA THR E 33 -67.40 -23.07 23.43
C THR E 33 -67.89 -24.06 22.35
N ASN E 34 -66.98 -24.53 21.50
CA ASN E 34 -67.31 -25.52 20.46
C ASN E 34 -66.10 -26.37 20.05
N PRO E 35 -65.51 -27.10 21.03
CA PRO E 35 -64.18 -27.75 20.94
C PRO E 35 -63.97 -28.69 19.76
N GLY E 36 -65.06 -29.17 19.17
CA GLY E 36 -65.00 -30.02 17.97
C GLY E 36 -64.31 -29.30 16.82
N GLN E 37 -64.96 -28.25 16.32
CA GLN E 37 -64.38 -27.37 15.28
C GLN E 37 -62.99 -26.86 15.69
N ALA E 38 -62.85 -26.51 16.97
CA ALA E 38 -61.60 -26.02 17.55
C ALA E 38 -60.42 -26.96 17.33
N ILE E 39 -60.64 -28.26 17.55
CA ILE E 39 -59.61 -29.28 17.27
C ILE E 39 -59.20 -29.26 15.80
N TRP E 40 -60.19 -29.10 14.92
CA TRP E 40 -60.00 -29.08 13.47
C TRP E 40 -59.06 -27.98 12.97
N LEU E 41 -59.18 -26.80 13.56
CA LEU E 41 -58.33 -25.65 13.21
C LEU E 41 -56.87 -25.99 13.49
N GLY E 42 -56.64 -26.65 14.64
CA GLY E 42 -55.33 -27.15 15.00
C GLY E 42 -54.78 -28.07 13.92
N GLU E 43 -55.66 -28.91 13.39
CA GLU E 43 -55.34 -29.80 12.26
C GLU E 43 -54.95 -29.01 11.00
N PHE E 44 -55.55 -27.83 10.82
CA PHE E 44 -55.30 -26.99 9.64
C PHE E 44 -54.01 -26.16 9.75
N SER E 45 -53.79 -25.56 10.92
CA SER E 45 -52.54 -24.83 11.20
C SER E 45 -51.39 -25.78 10.96
N LYS E 46 -51.57 -27.03 11.41
CA LYS E 46 -50.61 -28.11 11.23
C LYS E 46 -50.43 -28.51 9.75
N ARG E 47 -51.37 -28.12 8.89
CA ARG E 47 -51.26 -28.42 7.45
C ARG E 47 -50.69 -27.27 6.62
N HIS E 48 -51.02 -26.02 6.97
CA HIS E 48 -50.62 -24.86 6.16
C HIS E 48 -49.87 -23.77 6.96
N PRO E 49 -48.83 -23.15 6.35
CA PRO E 49 -48.06 -22.04 6.96
C PRO E 49 -48.86 -20.75 7.20
N ILE E 50 -49.10 -20.44 8.47
CA ILE E 50 -49.90 -19.27 8.91
C ILE E 50 -49.18 -17.93 8.74
N GLN E 51 -47.87 -17.95 8.51
CA GLN E 51 -47.08 -16.73 8.24
C GLN E 51 -47.27 -16.22 6.80
N GLU E 52 -47.83 -17.07 5.93
CA GLU E 52 -48.33 -16.63 4.62
C GLU E 52 -49.85 -16.50 4.71
N SER E 53 -50.29 -15.40 5.35
CA SER E 53 -51.69 -15.18 5.76
C SER E 53 -52.73 -15.37 4.66
N ASP E 54 -52.44 -14.84 3.47
CA ASP E 54 -53.36 -14.89 2.34
C ASP E 54 -53.54 -16.30 1.82
N LEU E 55 -52.45 -16.95 1.39
CA LEU E 55 -52.51 -18.35 0.94
C LEU E 55 -53.22 -19.26 1.94
N TYR E 56 -52.99 -18.98 3.22
CA TYR E 56 -53.57 -19.70 4.35
C TYR E 56 -55.09 -19.62 4.38
N LEU E 57 -55.62 -18.39 4.31
CA LEU E 57 -57.05 -18.14 4.36
C LEU E 57 -57.73 -18.58 3.06
N GLU E 58 -57.05 -18.29 1.94
CA GLU E 58 -57.45 -18.76 0.62
C GLU E 58 -57.76 -20.26 0.68
N ALA E 59 -56.77 -21.04 1.16
CA ALA E 59 -56.91 -22.47 1.38
C ALA E 59 -58.02 -22.82 2.37
N MET E 60 -58.03 -22.20 3.54
CA MET E 60 -59.05 -22.49 4.53
C MET E 60 -60.46 -22.14 4.07
N MET E 61 -60.56 -21.20 3.12
CA MET E 61 -61.85 -20.79 2.57
C MET E 61 -62.59 -22.02 2.07
N LEU E 62 -61.93 -22.70 1.12
CA LEU E 62 -62.43 -23.93 0.49
C LEU E 62 -63.01 -24.96 1.48
N GLU E 63 -62.32 -25.19 2.60
CA GLU E 63 -62.79 -26.18 3.58
C GLU E 63 -63.80 -25.63 4.60
N ASN E 64 -63.50 -24.47 5.19
CA ASN E 64 -64.36 -23.93 6.24
C ASN E 64 -64.69 -22.44 6.09
N LYS E 65 -65.86 -22.16 5.50
CA LYS E 65 -66.33 -20.79 5.24
C LYS E 65 -66.78 -20.09 6.51
N GLU E 66 -67.70 -20.71 7.24
CA GLU E 66 -68.32 -20.10 8.44
C GLU E 66 -67.30 -19.61 9.49
N LEU E 67 -66.03 -19.98 9.30
CA LEU E 67 -64.97 -19.63 10.23
C LEU E 67 -63.95 -18.66 9.65
N VAL E 68 -63.56 -18.86 8.38
CA VAL E 68 -62.73 -17.87 7.69
C VAL E 68 -63.41 -16.51 7.81
N LEU E 69 -64.71 -16.49 7.57
CA LEU E 69 -65.50 -15.29 7.76
C LEU E 69 -65.34 -14.73 9.16
N ARG E 70 -65.17 -15.61 10.14
CA ARG E 70 -64.97 -15.18 11.52
C ARG E 70 -63.57 -14.59 11.72
N ILE E 71 -62.56 -15.24 11.14
CA ILE E 71 -61.20 -14.72 11.18
C ILE E 71 -61.19 -13.31 10.59
N LEU E 72 -61.60 -13.19 9.33
CA LEU E 72 -61.66 -11.89 8.65
C LEU E 72 -62.20 -10.76 9.54
N THR E 73 -63.28 -11.02 10.28
CA THR E 73 -63.90 -9.98 11.08
C THR E 73 -63.08 -9.66 12.32
N VAL E 74 -62.78 -10.70 13.12
CA VAL E 74 -61.99 -10.55 14.35
C VAL E 74 -60.63 -9.91 14.03
N ARG E 75 -59.93 -10.54 13.11
CA ARG E 75 -58.73 -10.04 12.45
C ARG E 75 -58.65 -8.53 12.39
N GLU E 76 -59.80 -7.91 12.15
CA GLU E 76 -59.89 -6.48 11.90
C GLU E 76 -60.31 -5.70 13.14
N ASN E 77 -61.15 -6.29 13.98
CA ASN E 77 -61.50 -5.65 15.25
C ASN E 77 -60.28 -5.59 16.16
N LEU E 78 -59.52 -6.67 16.16
CA LEU E 78 -58.23 -6.75 16.81
C LEU E 78 -57.34 -5.63 16.26
N ALA E 79 -56.93 -5.79 15.02
CA ALA E 79 -56.09 -4.80 14.35
C ALA E 79 -56.47 -3.36 14.73
N GLU E 80 -57.75 -3.05 14.65
CA GLU E 80 -58.27 -1.69 14.89
C GLU E 80 -58.01 -1.28 16.33
N GLY E 81 -58.29 -2.21 17.24
CA GLY E 81 -58.09 -2.00 18.68
C GLY E 81 -56.64 -1.88 19.08
N VAL E 82 -55.79 -2.73 18.50
CA VAL E 82 -54.37 -2.72 18.79
C VAL E 82 -53.67 -1.44 18.31
N LEU E 83 -53.90 -1.06 17.06
CA LEU E 83 -53.23 0.07 16.44
C LEU E 83 -53.34 1.40 17.17
N GLU E 84 -54.41 1.61 17.93
CA GLU E 84 -54.54 2.82 18.75
C GLU E 84 -53.29 2.91 19.65
N PHE E 85 -53.13 1.90 20.50
CA PHE E 85 -52.03 1.83 21.44
C PHE E 85 -50.62 1.79 20.81
N LEU E 86 -50.48 1.07 19.69
CA LEU E 86 -49.18 0.65 19.15
C LEU E 86 -48.07 1.68 18.94
N PRO E 87 -48.35 2.80 18.24
CA PRO E 87 -47.18 3.62 17.95
C PRO E 87 -46.50 4.13 19.23
N GLU E 88 -47.31 4.52 20.20
CA GLU E 88 -46.80 4.97 21.48
C GLU E 88 -46.00 3.85 22.18
N MET E 89 -46.57 2.65 22.24
CA MET E 89 -45.94 1.52 22.92
C MET E 89 -44.56 1.22 22.37
N VAL E 90 -44.51 0.90 21.08
CA VAL E 90 -43.28 0.56 20.39
C VAL E 90 -42.24 1.64 20.60
N LEU E 91 -42.61 2.89 20.30
CA LEU E 91 -41.67 4.01 20.34
C LEU E 91 -40.97 4.13 21.70
N SER E 92 -41.75 4.03 22.77
CA SER E 92 -41.22 4.13 24.11
C SER E 92 -40.41 2.87 24.48
N GLN E 93 -40.85 1.69 24.05
CA GLN E 93 -40.06 0.48 24.29
C GLN E 93 -38.69 0.55 23.63
N ILE E 94 -38.59 1.30 22.54
CA ILE E 94 -37.31 1.42 21.86
C ILE E 94 -36.41 2.35 22.66
N LYS E 95 -36.91 3.56 22.95
CA LYS E 95 -36.24 4.48 23.87
C LYS E 95 -35.75 3.72 25.11
N GLN E 96 -36.65 3.01 25.77
CA GLN E 96 -36.30 2.25 26.97
C GLN E 96 -35.20 1.22 26.73
N SER E 97 -35.31 0.46 25.64
CA SER E 97 -34.31 -0.55 25.29
C SER E 97 -32.97 0.11 24.93
N ASN E 98 -33.02 1.11 24.06
CA ASN E 98 -31.85 1.92 23.77
C ASN E 98 -31.15 2.35 25.06
N GLY E 99 -31.91 2.99 25.95
CA GLY E 99 -31.44 3.32 27.31
C GLY E 99 -30.54 2.27 27.94
N ASN E 100 -31.07 1.06 28.13
CA ASN E 100 -30.31 -0.02 28.74
C ASN E 100 -29.08 -0.41 27.97
N HIS E 101 -29.22 -0.65 26.68
CA HIS E 101 -28.10 -1.04 25.83
C HIS E 101 -27.00 0.04 25.81
N ARG E 102 -27.39 1.31 25.80
CA ARG E 102 -26.39 2.38 25.80
C ARG E 102 -25.61 2.36 27.11
N ARG E 103 -26.31 2.58 28.22
CA ARG E 103 -25.72 2.49 29.56
C ARG E 103 -24.81 1.27 29.72
N SER E 104 -25.29 0.11 29.32
CA SER E 104 -24.53 -1.10 29.53
C SER E 104 -23.27 -1.06 28.70
N LEU E 105 -23.39 -0.63 27.45
CA LEU E 105 -22.25 -0.57 26.53
C LEU E 105 -21.21 0.44 27.01
N LEU E 106 -21.66 1.65 27.33
CA LEU E 106 -20.77 2.72 27.74
C LEU E 106 -19.95 2.31 28.93
N GLU E 107 -20.61 1.68 29.92
CA GLU E 107 -19.94 1.18 31.11
C GLU E 107 -18.90 0.09 30.77
N ARG E 108 -19.24 -0.86 29.90
CA ARG E 108 -18.31 -1.94 29.58
C ARG E 108 -17.05 -1.49 28.83
N LEU E 109 -17.10 -0.33 28.19
CA LEU E 109 -15.94 0.15 27.48
C LEU E 109 -15.09 1.06 28.37
N THR E 110 -15.60 1.27 29.59
CA THR E 110 -14.91 1.94 30.71
C THR E 110 -14.17 0.93 31.62
N GLN E 111 -14.62 -0.33 31.62
CA GLN E 111 -14.11 -1.41 32.48
C GLN E 111 -12.69 -1.87 32.19
N VAL E 112 -11.97 -2.21 33.27
CA VAL E 112 -10.53 -2.55 33.23
C VAL E 112 -10.31 -4.06 32.92
N ASP E 113 -9.22 -4.63 33.48
CA ASP E 113 -8.90 -6.09 33.52
C ASP E 113 -7.39 -6.34 33.46
N PHE F 3 -57.99 -5.90 24.64
CA PHE F 3 -56.89 -6.28 23.70
C PHE F 3 -55.54 -5.55 23.92
N LYS F 4 -55.40 -4.89 25.08
CA LYS F 4 -54.13 -4.28 25.50
C LYS F 4 -53.07 -5.34 25.83
N LYS F 5 -53.52 -6.47 26.39
CA LYS F 5 -52.65 -7.62 26.62
C LYS F 5 -52.03 -8.16 25.34
N VAL F 6 -52.64 -7.84 24.19
CA VAL F 6 -52.17 -8.37 22.91
C VAL F 6 -51.37 -7.35 22.09
N ALA F 7 -51.66 -6.07 22.28
CA ALA F 7 -50.79 -5.06 21.70
C ALA F 7 -49.36 -5.23 22.24
N LYS F 8 -49.25 -5.49 23.56
CA LYS F 8 -47.97 -5.79 24.21
C LYS F 8 -47.09 -6.70 23.36
N GLU F 9 -47.64 -7.85 22.97
CA GLU F 9 -46.86 -8.83 22.22
C GLU F 9 -46.55 -8.33 20.83
N THR F 10 -47.51 -7.60 20.25
CA THR F 10 -47.36 -7.02 18.92
C THR F 10 -46.19 -6.05 18.94
N ALA F 11 -46.16 -5.20 19.97
CA ALA F 11 -45.09 -4.23 20.18
C ALA F 11 -43.70 -4.88 20.29
N ILE F 12 -43.58 -5.91 21.14
CA ILE F 12 -42.35 -6.67 21.23
C ILE F 12 -41.92 -6.99 19.81
N THR F 13 -42.80 -7.68 19.08
CA THR F 13 -42.48 -8.17 17.73
C THR F 13 -42.02 -7.07 16.80
N LEU F 14 -42.75 -5.97 16.81
CA LEU F 14 -42.39 -4.81 16.01
C LEU F 14 -40.99 -4.32 16.34
N GLN F 15 -40.68 -4.24 17.64
CA GLN F 15 -39.37 -3.82 18.12
C GLN F 15 -38.24 -4.66 17.52
N SER F 16 -38.39 -5.99 17.50
CA SER F 16 -37.37 -6.82 16.86
C SER F 16 -37.36 -6.62 15.36
N TYR F 17 -38.55 -6.45 14.78
CA TYR F 17 -38.69 -6.31 13.34
C TYR F 17 -37.95 -5.08 12.89
N LEU F 18 -38.15 -4.00 13.65
CA LEU F 18 -37.54 -2.74 13.29
C LEU F 18 -36.05 -2.78 13.52
N THR F 19 -35.60 -3.60 14.46
CA THR F 19 -34.16 -3.80 14.65
C THR F 19 -33.58 -4.51 13.42
N TYR F 20 -34.31 -5.49 12.90
CA TYR F 20 -33.93 -6.18 11.67
C TYR F 20 -33.88 -5.20 10.49
N GLN F 21 -34.88 -4.34 10.43
CA GLN F 21 -34.96 -3.37 9.36
C GLN F 21 -33.76 -2.45 9.41
N ALA F 22 -33.46 -1.97 10.61
CA ALA F 22 -32.29 -1.15 10.84
C ALA F 22 -30.98 -1.84 10.44
N VAL F 23 -30.76 -3.07 10.91
CA VAL F 23 -29.54 -3.78 10.56
C VAL F 23 -29.37 -3.81 9.04
N ARG F 24 -30.43 -4.23 8.36
CA ARG F 24 -30.31 -4.43 6.91
C ARG F 24 -30.24 -3.11 6.13
N LEU F 25 -30.83 -2.04 6.67
CA LEU F 25 -30.61 -0.71 6.10
C LEU F 25 -29.16 -0.28 6.27
N ILE F 26 -28.64 -0.32 7.49
CA ILE F 26 -27.24 0.01 7.78
C ILE F 26 -26.31 -0.82 6.91
N SER F 27 -26.69 -2.07 6.69
CA SER F 27 -25.92 -2.97 5.85
C SER F 27 -25.76 -2.39 4.45
N GLN F 28 -26.88 -1.98 3.85
CA GLN F 28 -26.89 -1.24 2.59
C GLN F 28 -26.09 0.06 2.78
N GLN F 29 -26.61 0.96 3.61
CA GLN F 29 -25.97 2.25 3.95
C GLN F 29 -24.44 2.27 4.04
N LEU F 30 -23.80 1.11 4.21
CA LEU F 30 -22.35 1.03 4.35
C LEU F 30 -21.71 0.14 3.30
N SER F 31 -22.55 -0.48 2.46
CA SER F 31 -22.09 -1.30 1.33
C SER F 31 -20.84 -0.75 0.64
N GLU F 32 -20.82 0.56 0.39
CA GLU F 32 -19.65 1.23 -0.23
C GLU F 32 -18.72 1.98 0.77
N THR F 33 -19.27 2.66 1.78
CA THR F 33 -18.44 3.40 2.77
C THR F 33 -17.47 2.47 3.56
N ASN F 34 -18.00 1.42 4.18
CA ASN F 34 -17.18 0.35 4.82
C ASN F 34 -17.64 -1.02 4.35
N PRO F 35 -17.09 -1.51 3.23
CA PRO F 35 -17.47 -2.84 2.79
C PRO F 35 -17.27 -3.87 3.91
N GLY F 36 -16.16 -3.74 4.64
CA GLY F 36 -15.78 -4.67 5.71
C GLY F 36 -16.87 -4.93 6.74
N GLN F 37 -17.45 -3.86 7.27
CA GLN F 37 -18.51 -3.95 8.27
C GLN F 37 -19.78 -4.50 7.68
N ALA F 38 -20.14 -4.04 6.49
CA ALA F 38 -21.37 -4.48 5.82
C ALA F 38 -21.38 -6.00 5.65
N ILE F 39 -20.27 -6.56 5.16
CA ILE F 39 -20.15 -8.00 5.02
C ILE F 39 -20.29 -8.63 6.39
N TRP F 40 -19.49 -8.14 7.35
CA TRP F 40 -19.48 -8.61 8.74
C TRP F 40 -20.87 -8.66 9.36
N LEU F 41 -21.61 -7.57 9.24
CA LEU F 41 -22.97 -7.45 9.76
C LEU F 41 -23.87 -8.61 9.30
N GLY F 42 -23.65 -9.09 8.08
CA GLY F 42 -24.41 -10.23 7.55
C GLY F 42 -23.93 -11.54 8.14
N GLU F 43 -22.63 -11.65 8.35
CA GLU F 43 -22.00 -12.83 8.94
C GLU F 43 -22.44 -13.07 10.39
N PHE F 44 -22.50 -11.98 11.16
CA PHE F 44 -22.90 -12.02 12.55
C PHE F 44 -24.36 -12.46 12.66
N SER F 45 -25.20 -12.01 11.74
CA SER F 45 -26.63 -12.33 11.76
C SER F 45 -26.90 -13.81 11.46
N LYS F 46 -25.93 -14.48 10.86
CA LYS F 46 -26.01 -15.91 10.63
C LYS F 46 -25.69 -16.70 11.91
N ARG F 47 -24.75 -16.18 12.71
CA ARG F 47 -24.42 -16.78 14.01
C ARG F 47 -25.43 -16.45 15.09
N HIS F 48 -26.28 -15.43 14.89
CA HIS F 48 -27.20 -14.97 15.96
C HIS F 48 -28.58 -14.54 15.49
N PRO F 49 -29.62 -15.25 15.97
CA PRO F 49 -31.01 -14.97 15.54
C PRO F 49 -31.56 -13.63 16.06
N ILE F 50 -31.77 -12.71 15.12
CA ILE F 50 -32.25 -11.34 15.37
C ILE F 50 -33.70 -11.21 15.87
N GLN F 51 -34.42 -12.32 15.98
CA GLN F 51 -35.80 -12.28 16.47
C GLN F 51 -35.76 -11.96 17.94
N GLU F 52 -34.70 -12.41 18.61
CA GLU F 52 -34.43 -11.99 19.98
C GLU F 52 -33.50 -10.78 19.99
N SER F 53 -34.10 -9.60 19.83
CA SER F 53 -33.36 -8.40 19.48
C SER F 53 -32.38 -8.02 20.57
N ASP F 54 -32.87 -7.88 21.79
CA ASP F 54 -32.01 -7.64 22.94
C ASP F 54 -30.84 -8.64 23.05
N LEU F 55 -31.16 -9.93 22.97
CA LEU F 55 -30.11 -10.92 23.05
C LEU F 55 -29.09 -10.74 21.95
N TYR F 56 -29.58 -10.42 20.75
CA TYR F 56 -28.77 -10.09 19.58
C TYR F 56 -27.84 -8.93 19.88
N LEU F 57 -28.43 -7.81 20.26
CA LEU F 57 -27.66 -6.62 20.50
C LEU F 57 -26.62 -6.83 21.57
N GLU F 58 -26.92 -7.64 22.58
CA GLU F 58 -26.02 -7.91 23.69
C GLU F 58 -24.85 -8.78 23.21
N ALA F 59 -25.13 -9.72 22.33
CA ALA F 59 -24.07 -10.49 21.75
C ALA F 59 -23.10 -9.61 20.95
N MET F 60 -23.63 -8.66 20.18
CA MET F 60 -22.83 -7.85 19.27
C MET F 60 -21.95 -6.90 20.03
N MET F 61 -22.45 -6.46 21.19
CA MET F 61 -21.67 -5.61 22.07
C MET F 61 -20.30 -6.20 22.42
N LEU F 62 -20.18 -7.52 22.36
CA LEU F 62 -18.91 -8.16 22.67
C LEU F 62 -18.01 -8.18 21.45
N GLU F 63 -18.56 -7.91 20.28
CA GLU F 63 -17.78 -8.03 19.04
C GLU F 63 -17.53 -6.70 18.36
N ASN F 64 -18.54 -5.82 18.34
CA ASN F 64 -18.39 -4.53 17.66
C ASN F 64 -19.30 -3.45 18.26
N LYS F 65 -18.73 -2.60 19.11
CA LYS F 65 -19.57 -1.71 19.86
C LYS F 65 -20.20 -0.58 19.03
N GLU F 66 -19.50 -0.08 18.02
CA GLU F 66 -20.01 1.07 17.28
C GLU F 66 -21.20 0.70 16.40
N LEU F 67 -21.15 -0.47 15.78
CA LEU F 67 -22.29 -0.97 15.06
C LEU F 67 -23.50 -1.09 15.94
N VAL F 68 -23.29 -1.47 17.20
CA VAL F 68 -24.40 -1.57 18.14
C VAL F 68 -25.03 -0.20 18.35
N LEU F 69 -24.19 0.80 18.58
CA LEU F 69 -24.71 2.13 18.87
C LEU F 69 -25.36 2.70 17.62
N ARG F 70 -24.77 2.38 16.47
CA ARG F 70 -25.35 2.72 15.18
C ARG F 70 -26.76 2.12 15.07
N ILE F 71 -26.86 0.80 15.20
CA ILE F 71 -28.16 0.13 15.16
C ILE F 71 -29.23 0.79 16.04
N LEU F 72 -28.90 1.10 17.28
CA LEU F 72 -29.87 1.65 18.22
C LEU F 72 -30.40 2.98 17.76
N THR F 73 -29.55 3.74 17.08
CA THR F 73 -29.93 5.08 16.65
C THR F 73 -30.85 4.96 15.43
N VAL F 74 -30.44 4.17 14.43
CA VAL F 74 -31.22 3.98 13.22
C VAL F 74 -32.60 3.38 13.48
N ARG F 75 -32.68 2.41 14.40
CA ARG F 75 -33.94 1.75 14.66
C ARG F 75 -34.99 2.73 15.20
N GLU F 76 -34.54 3.68 16.00
CA GLU F 76 -35.44 4.66 16.61
C GLU F 76 -35.92 5.63 15.54
N ASN F 77 -35.05 6.00 14.61
CA ASN F 77 -35.42 6.86 13.51
C ASN F 77 -36.41 6.19 12.58
N LEU F 78 -36.18 4.91 12.31
CA LEU F 78 -37.12 4.11 11.51
C LEU F 78 -38.46 4.03 12.20
N ALA F 79 -38.46 3.89 13.52
CA ALA F 79 -39.71 3.90 14.25
C ALA F 79 -40.43 5.22 14.03
N GLU F 80 -39.74 6.34 14.23
CA GLU F 80 -40.35 7.67 14.04
C GLU F 80 -41.14 7.72 12.74
N GLY F 81 -40.45 7.50 11.62
CA GLY F 81 -41.05 7.55 10.28
C GLY F 81 -42.15 6.53 10.08
N VAL F 82 -41.77 5.27 9.98
CA VAL F 82 -42.69 4.15 9.82
C VAL F 82 -43.95 4.21 10.71
N LEU F 83 -43.79 4.53 11.99
CA LEU F 83 -44.86 4.32 12.97
C LEU F 83 -46.03 5.29 12.85
N GLU F 84 -45.91 6.25 11.93
CA GLU F 84 -46.97 7.20 11.68
C GLU F 84 -47.98 6.64 10.69
N PHE F 85 -47.45 6.19 9.56
CA PHE F 85 -48.21 5.72 8.40
C PHE F 85 -48.83 4.31 8.57
N LEU F 86 -48.46 3.64 9.67
CA LEU F 86 -48.67 2.21 9.83
C LEU F 86 -50.10 1.85 10.21
N PRO F 87 -50.67 2.54 11.22
CA PRO F 87 -52.07 2.26 11.50
C PRO F 87 -52.93 2.39 10.25
N GLU F 88 -52.77 3.49 9.51
CA GLU F 88 -53.46 3.67 8.23
C GLU F 88 -53.26 2.43 7.35
N MET F 89 -52.02 2.09 7.01
CA MET F 89 -51.80 1.10 5.95
C MET F 89 -51.96 -0.38 6.34
N VAL F 90 -51.84 -0.71 7.62
CA VAL F 90 -52.14 -2.07 8.06
C VAL F 90 -53.64 -2.31 8.00
N LEU F 91 -54.40 -1.32 8.45
CA LEU F 91 -55.85 -1.41 8.52
C LEU F 91 -56.46 -1.50 7.11
N SER F 92 -56.09 -0.57 6.25
CA SER F 92 -56.65 -0.55 4.92
C SER F 92 -56.19 -1.77 4.13
N GLN F 93 -55.02 -2.31 4.48
CA GLN F 93 -54.57 -3.57 3.90
C GLN F 93 -55.42 -4.75 4.34
N ILE F 94 -55.96 -4.66 5.55
CA ILE F 94 -56.81 -5.71 6.07
C ILE F 94 -58.16 -5.63 5.40
N LYS F 95 -58.67 -4.41 5.23
CA LYS F 95 -59.91 -4.19 4.49
C LYS F 95 -59.81 -4.72 3.06
N GLN F 96 -58.68 -4.45 2.40
CA GLN F 96 -58.52 -4.96 1.05
C GLN F 96 -58.48 -6.49 1.01
N SER F 97 -57.64 -7.11 1.84
CA SER F 97 -57.57 -8.57 1.91
C SER F 97 -58.92 -9.15 2.31
N ASN F 98 -59.50 -8.65 3.40
CA ASN F 98 -60.83 -9.06 3.83
C ASN F 98 -61.83 -9.04 2.68
N GLY F 99 -61.73 -8.00 1.85
CA GLY F 99 -62.59 -7.84 0.68
C GLY F 99 -62.31 -8.90 -0.36
N ASN F 100 -61.05 -9.08 -0.73
CA ASN F 100 -60.69 -10.08 -1.72
C ASN F 100 -61.19 -11.48 -1.37
N HIS F 101 -61.05 -11.86 -0.11
CA HIS F 101 -61.43 -13.19 0.32
C HIS F 101 -62.94 -13.33 0.30
N ARG F 102 -63.63 -12.33 0.82
CA ARG F 102 -65.09 -12.31 0.83
C ARG F 102 -65.69 -12.40 -0.57
N ARG F 103 -65.17 -11.60 -1.49
CA ARG F 103 -65.62 -11.66 -2.88
C ARG F 103 -65.52 -13.07 -3.42
N SER F 104 -64.32 -13.64 -3.33
CA SER F 104 -64.06 -14.99 -3.82
C SER F 104 -65.05 -16.01 -3.29
N LEU F 105 -65.36 -15.92 -2.00
CA LEU F 105 -66.40 -16.76 -1.45
C LEU F 105 -67.71 -16.57 -2.21
N LEU F 106 -68.13 -15.32 -2.40
CA LEU F 106 -69.40 -15.01 -3.08
C LEU F 106 -69.36 -15.36 -4.55
N GLU F 107 -68.17 -15.38 -5.13
CA GLU F 107 -68.02 -15.82 -6.51
C GLU F 107 -68.16 -17.34 -6.57
N ARG F 108 -67.58 -18.05 -5.62
CA ARG F 108 -67.73 -19.50 -5.56
C ARG F 108 -69.19 -19.93 -5.29
N LEU F 109 -69.98 -19.07 -4.65
CA LEU F 109 -71.36 -19.40 -4.30
C LEU F 109 -72.42 -18.88 -5.27
N THR F 110 -72.01 -18.04 -6.22
CA THR F 110 -72.94 -17.40 -7.16
C THR F 110 -73.37 -18.39 -8.26
N GLN F 111 -74.68 -18.43 -8.53
CA GLN F 111 -75.32 -19.45 -9.39
C GLN F 111 -74.79 -19.47 -10.83
N VAL F 112 -74.41 -20.66 -11.29
CA VAL F 112 -73.79 -20.86 -12.61
C VAL F 112 -74.49 -21.98 -13.36
N GLU G 1 16.57 16.47 -36.99
CA GLU G 1 17.66 16.14 -36.01
C GLU G 1 19.04 15.90 -36.66
N ILE G 2 20.05 16.65 -36.21
CA ILE G 2 21.45 16.30 -36.44
C ILE G 2 21.89 15.52 -35.20
N LYS G 3 22.42 14.33 -35.42
CA LYS G 3 22.83 13.48 -34.33
C LYS G 3 24.33 13.64 -34.02
N PHE G 4 24.68 13.55 -32.74
CA PHE G 4 26.08 13.45 -32.33
C PHE G 4 26.31 12.02 -31.85
N GLU G 5 27.43 11.41 -32.25
CA GLU G 5 27.82 10.07 -31.81
C GLU G 5 29.30 10.02 -31.53
N PHE G 6 29.71 9.28 -30.49
CA PHE G 6 31.15 9.06 -30.29
C PHE G 6 31.69 7.78 -30.93
N ASP G 7 32.52 7.99 -31.95
CA ASP G 7 33.23 6.90 -32.61
C ASP G 7 34.11 6.24 -31.55
#